data_6B85
#
_entry.id   6B85
#
_cell.length_a   80.240
_cell.length_b   80.240
_cell.length_c   251.572
_cell.angle_alpha   90.00
_cell.angle_beta   90.00
_cell.angle_gamma   90.00
#
_symmetry.space_group_name_H-M   'P 4'
#
_entity_poly.entity_id   1
_entity_poly.type   'polypeptide(L)'
_entity_poly.pdbx_seq_one_letter_code
;MSKDTEDSRKIWRTIMLLLVFAILLSAIIWYQITTNPDTSQIATLLSMQLLLIALMLVVIALLLSRQTEQVAESIRRDVS
ALAYVMLGLLLSLLNRLSLAAEAYKKAIELDPNDALAWLLLGSVLEKLKRLDEAAEAYKKAIELKPNDASAWKELGKVLE
KLGRLDEAAEAYKKAIELDPEDAEAWKELGKVLEKLGRLDEAAEAYKKAIELDPNDLEHHHHH
;
_entity_poly.pdbx_strand_id   J,A,B,C
#
# COMPACT_ATOMS: atom_id res chain seq x y z
N SER A 2 4.88 44.52 65.86
CA SER A 2 5.50 43.84 64.73
C SER A 2 4.56 42.83 64.16
N LYS A 3 3.31 42.84 64.72
CA LYS A 3 2.26 41.95 64.26
C LYS A 3 2.02 42.17 62.77
N ASP A 4 2.09 43.43 62.29
CA ASP A 4 1.89 43.67 60.88
C ASP A 4 2.89 42.93 60.02
N THR A 5 4.14 42.78 60.50
CA THR A 5 5.15 42.07 59.74
C THR A 5 4.74 40.61 59.68
N GLU A 6 4.35 40.07 60.83
CA GLU A 6 3.92 38.68 60.88
C GLU A 6 2.70 38.43 59.97
N ASP A 7 1.70 39.34 60.05
CA ASP A 7 0.50 39.18 59.23
C ASP A 7 0.82 39.33 57.76
N SER A 8 1.72 40.25 57.40
CA SER A 8 2.10 40.44 56.00
C SER A 8 2.71 39.16 55.45
N ARG A 9 3.61 38.55 56.22
CA ARG A 9 4.23 37.31 55.80
C ARG A 9 3.17 36.21 55.61
N LYS A 10 2.18 36.12 56.54
CA LYS A 10 1.12 35.12 56.41
C LYS A 10 0.27 35.35 55.16
N ILE A 11 -0.03 36.63 54.85
CA ILE A 11 -0.80 36.96 53.66
C ILE A 11 -0.05 36.55 52.41
N TRP A 12 1.23 36.92 52.32
CA TRP A 12 2.04 36.56 51.16
C TRP A 12 2.13 35.05 51.01
N ARG A 13 2.42 34.34 52.11
CA ARG A 13 2.52 32.89 52.06
C ARG A 13 1.21 32.29 51.61
N THR A 14 0.07 32.83 52.08
CA THR A 14 -1.23 32.31 51.69
C THR A 14 -1.42 32.44 50.19
N ILE A 15 -1.09 33.61 49.63
CA ILE A 15 -1.31 33.84 48.21
C ILE A 15 -0.45 32.86 47.42
N MET A 16 0.82 32.75 47.83
CA MET A 16 1.75 31.86 47.19
C MET A 16 1.24 30.43 47.21
N LEU A 17 0.83 29.94 48.37
CA LEU A 17 0.37 28.56 48.50
C LEU A 17 -0.87 28.26 47.69
N LEU A 18 -1.81 29.23 47.61
CA LEU A 18 -3.00 28.96 46.83
C LEU A 18 -2.59 28.72 45.37
N LEU A 19 -1.65 29.55 44.87
CA LEU A 19 -1.15 29.40 43.50
C LEU A 19 -0.29 28.17 43.33
N VAL A 20 0.64 27.92 44.25
CA VAL A 20 1.55 26.80 44.07
C VAL A 20 0.76 25.52 43.99
N PHE A 21 -0.25 25.34 44.84
CA PHE A 21 -1.05 24.13 44.76
C PHE A 21 -1.66 24.05 43.36
N ALA A 22 -2.31 25.13 42.89
CA ALA A 22 -2.92 25.12 41.57
C ALA A 22 -1.86 24.84 40.47
N ILE A 23 -0.63 25.38 40.58
CA ILE A 23 0.47 25.14 39.65
C ILE A 23 0.88 23.70 39.56
N LEU A 24 1.13 23.14 40.75
CA LEU A 24 1.57 21.77 40.75
C LEU A 24 0.53 20.87 40.14
N LEU A 25 -0.74 21.10 40.48
CA LEU A 25 -1.76 20.24 39.93
C LEU A 25 -1.90 20.46 38.45
N SER A 26 -1.81 21.72 37.99
CA SER A 26 -1.94 22.02 36.58
C SER A 26 -0.83 21.35 35.78
N ALA A 27 0.40 21.36 36.32
CA ALA A 27 1.52 20.73 35.63
C ALA A 27 1.25 19.21 35.49
N ILE A 28 0.70 18.62 36.58
CA ILE A 28 0.34 17.20 36.60
C ILE A 28 -0.72 16.92 35.53
N ILE A 29 -1.70 17.83 35.46
CA ILE A 29 -2.79 17.67 34.51
C ILE A 29 -2.27 17.77 33.07
N TRP A 30 -1.36 18.71 32.77
CA TRP A 30 -0.82 18.83 31.41
C TRP A 30 -0.32 17.43 30.94
N TYR A 31 0.50 16.79 31.80
CA TYR A 31 1.03 15.44 31.51
C TYR A 31 -0.09 14.42 31.34
N GLN A 32 -1.02 14.38 32.30
CA GLN A 32 -2.11 13.42 32.32
C GLN A 32 -3.02 13.51 31.11
N ILE A 33 -3.27 14.73 30.64
CA ILE A 33 -4.12 14.91 29.48
C ILE A 33 -3.46 14.30 28.25
N THR A 34 -2.16 14.61 28.06
CA THR A 34 -1.41 14.08 26.91
C THR A 34 -1.38 12.54 26.97
N THR A 35 -1.09 12.01 28.16
CA THR A 35 -0.93 10.58 28.41
C THR A 35 -2.22 9.76 28.22
N ASN A 36 -3.32 10.22 28.79
CA ASN A 36 -4.59 9.52 28.74
C ASN A 36 -5.64 10.29 27.92
N PRO A 37 -5.85 9.99 26.63
CA PRO A 37 -6.70 10.73 25.71
C PRO A 37 -8.18 10.45 25.88
N ASP A 38 -8.70 10.69 27.06
CA ASP A 38 -10.09 10.46 27.38
C ASP A 38 -10.77 11.71 27.89
N THR A 39 -11.64 12.29 27.07
CA THR A 39 -12.34 13.54 27.35
C THR A 39 -12.93 13.59 28.76
N SER A 40 -13.52 12.47 29.23
CA SER A 40 -14.21 12.45 30.51
C SER A 40 -13.28 12.60 31.71
N GLN A 41 -11.97 12.39 31.49
CA GLN A 41 -10.99 12.47 32.56
C GLN A 41 -10.28 13.81 32.40
N ILE A 42 -10.01 14.17 31.16
CA ILE A 42 -9.33 15.40 30.81
C ILE A 42 -10.11 16.60 31.29
N ALA A 43 -11.36 16.64 30.92
CA ALA A 43 -12.21 17.72 31.30
C ALA A 43 -12.43 17.77 32.80
N THR A 44 -12.48 16.59 33.45
CA THR A 44 -12.69 16.55 34.91
C THR A 44 -11.52 17.31 35.56
N LEU A 45 -10.29 17.02 35.08
CA LEU A 45 -9.11 17.70 35.60
C LEU A 45 -9.16 19.20 35.29
N LEU A 46 -9.62 19.58 34.07
CA LEU A 46 -9.70 21.02 33.76
C LEU A 46 -10.68 21.72 34.69
N SER A 47 -11.81 21.06 34.97
CA SER A 47 -12.82 21.63 35.88
C SER A 47 -12.22 21.85 37.26
N MET A 48 -11.50 20.82 37.77
CA MET A 48 -10.87 20.94 39.08
C MET A 48 -9.88 22.10 39.10
N GLN A 49 -9.03 22.20 38.04
CA GLN A 49 -8.04 23.26 37.98
C GLN A 49 -8.71 24.61 38.04
N LEU A 50 -9.78 24.76 37.25
CA LEU A 50 -10.51 26.00 37.17
C LEU A 50 -11.12 26.36 38.52
N LEU A 51 -11.67 25.36 39.23
CA LEU A 51 -12.21 25.58 40.56
C LEU A 51 -11.15 26.08 41.55
N LEU A 52 -9.96 25.44 41.55
CA LEU A 52 -8.91 25.86 42.49
C LEU A 52 -8.53 27.31 42.23
N ILE A 53 -8.48 27.68 40.94
CA ILE A 53 -8.15 29.03 40.53
C ILE A 53 -9.20 30.00 41.02
N ALA A 54 -10.46 29.64 40.83
CA ALA A 54 -11.54 30.49 41.26
C ALA A 54 -11.45 30.79 42.74
N LEU A 55 -11.20 29.75 43.56
CA LEU A 55 -11.11 29.94 45.00
C LEU A 55 -9.92 30.82 45.31
N MET A 56 -8.77 30.47 44.71
CA MET A 56 -7.55 31.22 44.93
C MET A 56 -7.76 32.69 44.71
N LEU A 57 -8.36 33.03 43.58
CA LEU A 57 -8.53 34.44 43.28
C LEU A 57 -9.48 35.12 44.23
N VAL A 58 -10.55 34.44 44.64
CA VAL A 58 -11.44 35.09 45.58
C VAL A 58 -10.74 35.34 46.90
N VAL A 59 -10.01 34.34 47.38
CA VAL A 59 -9.33 34.49 48.64
C VAL A 59 -8.36 35.64 48.57
N ILE A 60 -7.65 35.74 47.44
CA ILE A 60 -6.72 36.82 47.26
C ILE A 60 -7.45 38.16 47.32
N ALA A 61 -8.57 38.27 46.64
CA ALA A 61 -9.30 39.53 46.71
C ALA A 61 -9.70 39.85 48.15
N LEU A 62 -10.10 38.83 48.91
CA LEU A 62 -10.45 39.09 50.28
C LEU A 62 -9.21 39.61 51.05
N LEU A 63 -8.01 39.03 50.76
CA LEU A 63 -6.79 39.48 51.40
C LEU A 63 -6.48 40.92 51.02
N LEU A 64 -6.72 41.32 49.73
CA LEU A 64 -6.44 42.70 49.32
C LEU A 64 -7.31 43.64 50.11
N SER A 65 -8.58 43.24 50.30
CA SER A 65 -9.51 44.05 51.04
C SER A 65 -9.05 44.24 52.44
N ARG A 66 -8.66 43.14 53.09
CA ARG A 66 -8.21 43.22 54.44
C ARG A 66 -6.99 44.10 54.56
N GLN A 67 -6.00 43.90 53.66
CA GLN A 67 -4.78 44.67 53.79
C GLN A 67 -5.05 46.13 53.58
N THR A 68 -5.96 46.46 52.66
CA THR A 68 -6.28 47.85 52.42
C THR A 68 -6.82 48.46 53.70
N GLU A 69 -7.76 47.77 54.34
CA GLU A 69 -8.31 48.28 55.58
C GLU A 69 -7.27 48.39 56.68
N GLN A 70 -6.36 47.39 56.79
CA GLN A 70 -5.36 47.39 57.85
C GLN A 70 -4.44 48.58 57.73
N VAL A 71 -4.01 48.85 56.49
CA VAL A 71 -3.12 49.94 56.26
C VAL A 71 -3.80 51.25 56.55
N ALA A 72 -5.01 51.41 56.02
CA ALA A 72 -5.74 52.63 56.21
C ALA A 72 -6.03 52.95 57.66
N GLU A 73 -6.38 51.91 58.44
CA GLU A 73 -6.70 52.15 59.85
C GLU A 73 -5.47 52.57 60.61
N SER A 74 -4.33 51.93 60.31
CA SER A 74 -3.11 52.28 61.00
C SER A 74 -2.79 53.74 60.77
N ILE A 75 -2.90 54.18 59.52
CA ILE A 75 -2.61 55.57 59.23
C ILE A 75 -3.59 56.47 59.95
N ARG A 76 -4.90 56.18 59.85
CA ARG A 76 -5.88 57.03 60.51
C ARG A 76 -5.51 57.25 61.98
N ARG A 77 -5.17 56.16 62.69
CA ARG A 77 -4.79 56.26 64.09
C ARG A 77 -3.58 57.11 64.29
N ASP A 78 -2.50 56.84 63.55
CA ASP A 78 -1.29 57.63 63.76
C ASP A 78 -1.51 59.14 63.50
N VAL A 79 -2.27 59.46 62.47
CA VAL A 79 -2.51 60.85 62.15
C VAL A 79 -3.32 61.50 63.27
N SER A 80 -4.39 60.81 63.71
CA SER A 80 -5.26 61.35 64.72
C SER A 80 -4.51 61.57 66.02
N ALA A 81 -3.66 60.63 66.42
CA ALA A 81 -2.98 60.84 67.68
C ALA A 81 -2.13 62.12 67.64
N LEU A 82 -1.42 62.38 66.52
CA LEU A 82 -0.65 63.64 66.48
C LEU A 82 -1.60 64.84 66.49
N ALA A 83 -2.72 64.74 65.77
CA ALA A 83 -3.68 65.83 65.73
C ALA A 83 -4.24 66.16 67.12
N TYR A 84 -4.46 65.15 67.94
CA TYR A 84 -5.01 65.42 69.27
C TYR A 84 -3.99 66.08 70.15
N VAL A 85 -2.72 65.71 70.03
CA VAL A 85 -1.73 66.41 70.85
C VAL A 85 -1.69 67.89 70.41
N MET A 86 -1.65 68.09 69.09
CA MET A 86 -1.58 69.43 68.55
C MET A 86 -2.80 70.24 68.95
N LEU A 87 -3.99 69.59 68.93
CA LEU A 87 -5.22 70.26 69.31
C LEU A 87 -5.13 70.69 70.74
N GLY A 88 -4.66 69.80 71.63
CA GLY A 88 -4.53 70.16 73.02
C GLY A 88 -3.63 71.36 73.20
N LEU A 89 -2.53 71.41 72.47
CA LEU A 89 -1.64 72.54 72.59
C LEU A 89 -2.35 73.85 72.17
N LEU A 90 -3.11 73.80 71.06
CA LEU A 90 -3.82 75.01 70.63
C LEU A 90 -4.89 75.44 71.65
N LEU A 91 -5.61 74.47 72.20
CA LEU A 91 -6.64 74.79 73.16
C LEU A 91 -6.01 75.40 74.38
N SER A 92 -4.86 74.85 74.80
CA SER A 92 -4.12 75.40 75.94
C SER A 92 -3.70 76.88 75.67
N LEU A 93 -3.24 77.20 74.45
CA LEU A 93 -2.84 78.58 74.09
C LEU A 93 -4.00 79.58 74.27
N LEU A 94 -5.23 79.14 74.02
CA LEU A 94 -6.44 79.99 74.20
C LEU A 94 -7.01 79.87 75.62
N ASN A 95 -6.29 79.18 76.48
CA ASN A 95 -6.64 78.87 77.85
C ASN A 95 -7.87 78.03 77.98
N ARG A 96 -8.14 77.19 76.98
CA ARG A 96 -9.26 76.27 77.03
C ARG A 96 -8.72 74.99 77.66
N LEU A 97 -8.34 75.12 78.91
CA LEU A 97 -7.65 74.05 79.61
C LEU A 97 -8.46 72.77 79.80
N SER A 98 -9.75 72.87 80.11
CA SER A 98 -10.46 71.62 80.31
C SER A 98 -10.55 70.85 79.02
N LEU A 99 -10.70 71.60 77.93
CA LEU A 99 -10.81 71.01 76.61
C LEU A 99 -9.44 70.49 76.19
N ALA A 100 -8.37 71.22 76.55
CA ALA A 100 -7.04 70.78 76.20
C ALA A 100 -6.77 69.41 76.85
N ALA A 101 -7.20 69.27 78.12
CA ALA A 101 -7.00 68.01 78.80
C ALA A 101 -7.70 66.88 78.07
N GLU A 102 -8.93 67.13 77.59
CA GLU A 102 -9.64 66.09 76.88
C GLU A 102 -8.90 65.69 75.61
N ALA A 103 -8.37 66.68 74.90
CA ALA A 103 -7.64 66.35 73.67
C ALA A 103 -6.42 65.48 73.97
N TYR A 104 -5.70 65.79 75.06
CA TYR A 104 -4.53 64.98 75.39
C TYR A 104 -4.99 63.58 75.76
N LYS A 105 -6.09 63.49 76.50
CA LYS A 105 -6.62 62.19 76.90
C LYS A 105 -6.91 61.36 75.65
N LYS A 106 -7.54 61.97 74.64
CA LYS A 106 -7.85 61.25 73.43
C LYS A 106 -6.56 60.73 72.77
N ALA A 107 -5.49 61.57 72.73
CA ALA A 107 -4.24 61.11 72.13
C ALA A 107 -3.70 59.88 72.88
N ILE A 108 -3.83 59.90 74.22
CA ILE A 108 -3.39 58.80 75.07
C ILE A 108 -4.18 57.55 74.78
N GLU A 109 -5.49 57.65 74.67
CA GLU A 109 -6.24 56.44 74.38
C GLU A 109 -5.80 55.86 73.03
N LEU A 110 -5.56 56.72 72.04
CA LEU A 110 -5.08 56.25 70.76
C LEU A 110 -3.68 55.63 70.87
N ASP A 111 -2.82 56.27 71.70
CA ASP A 111 -1.47 55.75 71.94
C ASP A 111 -1.07 55.95 73.43
N PRO A 112 -1.27 54.93 74.29
CA PRO A 112 -1.01 54.93 75.73
C PRO A 112 0.45 55.21 76.09
N ASN A 113 1.38 55.16 75.09
CA ASN A 113 2.77 55.42 75.44
C ASN A 113 3.20 56.73 74.80
N ASP A 114 2.25 57.61 74.69
CA ASP A 114 2.54 58.92 74.21
C ASP A 114 2.93 59.78 75.40
N ALA A 115 4.25 59.75 75.73
CA ALA A 115 4.76 60.44 76.92
C ALA A 115 4.45 61.91 76.85
N LEU A 116 4.49 62.47 75.63
CA LEU A 116 4.21 63.86 75.50
C LEU A 116 2.78 64.13 75.93
N ALA A 117 1.84 63.37 75.42
CA ALA A 117 0.45 63.62 75.80
C ALA A 117 0.29 63.47 77.30
N TRP A 118 0.98 62.51 77.90
CA TRP A 118 0.86 62.32 79.35
C TRP A 118 1.43 63.51 80.11
N LEU A 119 2.60 64.00 79.67
CA LEU A 119 3.24 65.14 80.31
C LEU A 119 2.33 66.33 80.26
N LEU A 120 1.82 66.62 79.04
CA LEU A 120 1.00 67.77 78.80
C LEU A 120 -0.29 67.67 79.56
N LEU A 121 -0.85 66.45 79.65
CA LEU A 121 -2.06 66.28 80.42
C LEU A 121 -1.76 66.67 81.82
N GLY A 122 -0.64 66.20 82.35
CA GLY A 122 -0.21 66.52 83.70
C GLY A 122 -0.22 68.02 83.91
N SER A 123 0.41 68.76 82.97
CA SER A 123 0.47 70.21 83.07
C SER A 123 -0.88 70.85 83.10
N VAL A 124 -1.77 70.41 82.22
CA VAL A 124 -3.09 70.97 82.21
C VAL A 124 -3.79 70.68 83.52
N LEU A 125 -3.70 69.43 84.00
CA LEU A 125 -4.37 69.08 85.23
C LEU A 125 -3.86 69.93 86.39
N GLU A 126 -2.54 70.16 86.47
CA GLU A 126 -2.05 71.02 87.53
C GLU A 126 -2.65 72.42 87.40
N LYS A 127 -2.65 72.97 86.18
CA LYS A 127 -3.19 74.30 85.97
C LYS A 127 -4.66 74.40 86.35
N LEU A 128 -5.40 73.29 86.14
CA LEU A 128 -6.79 73.18 86.48
C LEU A 128 -7.02 72.83 87.94
N LYS A 129 -5.94 72.74 88.72
CA LYS A 129 -5.91 72.39 90.14
C LYS A 129 -6.31 70.91 90.41
N ARG A 130 -6.23 70.05 89.36
CA ARG A 130 -6.48 68.63 89.53
C ARG A 130 -5.13 67.98 89.87
N LEU A 131 -4.65 68.31 91.05
CA LEU A 131 -3.29 67.93 91.51
C LEU A 131 -3.03 66.45 91.68
N ASP A 132 -3.99 65.70 92.11
CA ASP A 132 -3.73 64.29 92.34
C ASP A 132 -3.63 63.59 90.97
N GLU A 133 -4.57 63.95 90.10
CA GLU A 133 -4.57 63.40 88.75
C GLU A 133 -3.29 63.87 88.02
N ALA A 134 -2.86 65.12 88.27
CA ALA A 134 -1.65 65.64 87.61
C ALA A 134 -0.45 64.83 88.02
N ALA A 135 -0.34 64.51 89.30
CA ALA A 135 0.81 63.74 89.76
C ALA A 135 0.84 62.38 89.07
N GLU A 136 -0.32 61.74 88.91
CA GLU A 136 -0.36 60.43 88.27
C GLU A 136 0.05 60.57 86.77
N ALA A 137 -0.45 61.62 86.09
CA ALA A 137 -0.10 61.81 84.67
C ALA A 137 1.41 62.04 84.51
N TYR A 138 1.99 62.81 85.42
CA TYR A 138 3.43 63.04 85.32
C TYR A 138 4.16 61.74 85.58
N LYS A 139 3.71 60.97 86.58
CA LYS A 139 4.36 59.72 86.88
C LYS A 139 4.40 58.85 85.61
N LYS A 140 3.28 58.79 84.88
CA LYS A 140 3.26 57.98 83.65
C LYS A 140 4.24 58.54 82.61
N ALA A 141 4.27 59.86 82.42
CA ALA A 141 5.19 60.43 81.43
C ALA A 141 6.63 60.08 81.76
N ILE A 142 6.97 60.14 83.05
CA ILE A 142 8.30 59.84 83.55
C ILE A 142 8.63 58.35 83.35
N GLU A 143 7.71 57.44 83.67
CA GLU A 143 8.04 56.02 83.46
C GLU A 143 8.34 55.79 81.98
N LEU A 144 7.57 56.43 81.11
CA LEU A 144 7.81 56.30 79.67
C LEU A 144 9.19 56.94 79.27
N LYS A 145 9.51 58.12 79.87
CA LYS A 145 10.79 58.80 79.61
C LYS A 145 11.51 59.20 80.92
N PRO A 146 12.28 58.28 81.55
CA PRO A 146 12.97 58.43 82.85
C PRO A 146 13.96 59.57 82.88
N ASN A 147 14.37 60.05 81.71
CA ASN A 147 15.33 61.13 81.67
C ASN A 147 14.69 62.41 81.10
N ASP A 148 13.42 62.60 81.43
CA ASP A 148 12.76 63.85 81.07
C ASP A 148 12.84 64.78 82.28
N ALA A 149 13.91 65.60 82.32
CA ALA A 149 14.15 66.46 83.49
C ALA A 149 13.00 67.41 83.71
N SER A 150 12.39 67.86 82.62
CA SER A 150 11.27 68.79 82.77
C SER A 150 10.12 68.08 83.46
N ALA A 151 9.80 66.86 83.01
CA ALA A 151 8.68 66.16 83.65
C ALA A 151 8.94 65.96 85.13
N TRP A 152 10.21 65.66 85.50
CA TRP A 152 10.56 65.47 86.92
C TRP A 152 10.34 66.77 87.73
N LYS A 153 10.79 67.91 87.18
CA LYS A 153 10.62 69.21 87.84
C LYS A 153 9.13 69.53 88.02
N GLU A 154 8.32 69.32 86.96
CA GLU A 154 6.89 69.59 87.00
C GLU A 154 6.20 68.69 88.02
N LEU A 155 6.64 67.40 88.09
CA LEU A 155 6.09 66.50 89.07
C LEU A 155 6.38 67.08 90.44
N GLY A 156 7.61 67.56 90.62
CA GLY A 156 8.04 68.17 91.86
C GLY A 156 7.05 69.25 92.27
N LYS A 157 6.73 70.18 91.34
CA LYS A 157 5.79 71.27 91.65
C LYS A 157 4.42 70.73 92.09
N VAL A 158 3.91 69.68 91.40
CA VAL A 158 2.61 69.13 91.80
C VAL A 158 2.71 68.52 93.18
N LEU A 159 3.75 67.75 93.44
CA LEU A 159 3.88 67.10 94.70
C LEU A 159 3.98 68.11 95.83
N GLU A 160 4.72 69.20 95.64
CA GLU A 160 4.79 70.23 96.66
C GLU A 160 3.40 70.80 96.92
N LYS A 161 2.65 71.08 95.85
CA LYS A 161 1.30 71.63 96.01
C LYS A 161 0.39 70.68 96.77
N LEU A 162 0.63 69.38 96.64
CA LEU A 162 -0.12 68.35 97.34
C LEU A 162 0.35 68.17 98.79
N GLY A 163 1.35 68.93 99.22
CA GLY A 163 1.89 68.85 100.56
C GLY A 163 2.96 67.76 100.68
N ARG A 164 3.28 67.13 99.56
CA ARG A 164 4.23 66.04 99.56
C ARG A 164 5.63 66.57 99.40
N LEU A 165 6.09 67.26 100.42
CA LEU A 165 7.38 67.91 100.40
C LEU A 165 8.56 66.96 100.25
N ASP A 166 8.48 65.78 100.81
CA ASP A 166 9.63 64.89 100.72
C ASP A 166 9.73 64.35 99.29
N GLU A 167 8.60 63.88 98.78
CA GLU A 167 8.59 63.35 97.42
C GLU A 167 8.92 64.49 96.43
N ALA A 168 8.45 65.72 96.72
CA ALA A 168 8.73 66.84 95.82
C ALA A 168 10.23 67.08 95.76
N ALA A 169 10.90 67.07 96.92
CA ALA A 169 12.33 67.31 96.94
C ALA A 169 13.05 66.26 96.11
N GLU A 170 12.60 64.99 96.20
CA GLU A 170 13.26 63.94 95.44
C GLU A 170 13.05 64.17 93.93
N ALA A 171 11.83 64.53 93.53
CA ALA A 171 11.59 64.75 92.10
C ALA A 171 12.45 65.90 91.57
N TYR A 172 12.60 66.98 92.37
CA TYR A 172 13.44 68.10 91.93
C TYR A 172 14.89 67.66 91.84
N LYS A 173 15.35 66.88 92.82
CA LYS A 173 16.72 66.42 92.81
C LYS A 173 16.99 65.62 91.52
N LYS A 174 16.04 64.72 91.13
CA LYS A 174 16.26 63.94 89.90
C LYS A 174 16.38 64.85 88.67
N ALA A 175 15.53 65.90 88.60
CA ALA A 175 15.59 66.81 87.43
C ALA A 175 16.97 67.46 87.36
N ILE A 176 17.50 67.82 88.52
CA ILE A 176 18.81 68.43 88.66
C ILE A 176 19.91 67.48 88.24
N GLU A 177 19.87 66.23 88.67
CA GLU A 177 20.92 65.32 88.24
C GLU A 177 20.94 65.20 86.71
N LEU A 178 19.76 65.13 86.12
CA LEU A 178 19.66 65.03 84.67
C LEU A 178 20.18 66.30 83.99
N ASP A 179 19.86 67.49 84.58
CA ASP A 179 20.39 68.76 84.04
C ASP A 179 20.76 69.72 85.19
N PRO A 180 22.02 69.66 85.68
CA PRO A 180 22.58 70.43 86.79
C PRO A 180 22.53 71.96 86.66
N GLU A 181 22.33 72.47 85.41
CA GLU A 181 22.31 73.95 85.22
C GLU A 181 20.93 74.53 85.40
N ASP A 182 19.95 73.71 85.67
CA ASP A 182 18.63 74.23 85.76
C ASP A 182 18.43 74.97 87.08
N ALA A 183 18.72 76.29 87.01
CA ALA A 183 18.67 77.17 88.18
C ALA A 183 17.28 77.18 88.77
N GLU A 184 16.24 77.10 87.92
CA GLU A 184 14.89 77.08 88.44
C GLU A 184 14.73 75.87 89.33
N ALA A 185 15.13 74.70 88.82
CA ALA A 185 14.97 73.48 89.60
C ALA A 185 15.71 73.60 90.92
N TRP A 186 16.90 74.19 90.88
CA TRP A 186 17.65 74.35 92.10
C TRP A 186 16.94 75.25 93.11
N LYS A 187 16.40 76.38 92.62
CA LYS A 187 15.71 77.27 93.52
C LYS A 187 14.48 76.61 94.10
N GLU A 188 13.72 75.90 93.26
CA GLU A 188 12.51 75.25 93.72
C GLU A 188 12.85 74.14 94.70
N LEU A 189 13.99 73.43 94.46
CA LEU A 189 14.44 72.42 95.38
C LEU A 189 14.67 73.08 96.72
N GLY A 190 15.38 74.24 96.68
CA GLY A 190 15.67 75.02 97.86
C GLY A 190 14.40 75.33 98.62
N LYS A 191 13.40 75.87 97.93
CA LYS A 191 12.15 76.20 98.59
C LYS A 191 11.55 74.99 99.30
N VAL A 192 11.54 73.83 98.63
CA VAL A 192 10.99 72.65 99.27
C VAL A 192 11.81 72.26 100.49
N LEU A 193 13.14 72.23 100.35
CA LEU A 193 13.99 71.84 101.45
C LEU A 193 13.83 72.78 102.64
N GLU A 194 13.71 74.09 102.39
CA GLU A 194 13.53 75.01 103.49
C GLU A 194 12.23 74.74 104.17
N LYS A 195 11.15 74.57 103.39
CA LYS A 195 9.82 74.32 103.93
C LYS A 195 9.79 73.06 104.74
N LEU A 196 10.57 72.08 104.27
CA LEU A 196 10.71 70.77 104.84
C LEU A 196 11.61 70.76 106.10
N GLY A 197 12.27 71.91 106.43
CA GLY A 197 13.15 71.99 107.60
C GLY A 197 14.62 71.58 107.29
N ARG A 198 14.89 71.24 106.02
CA ARG A 198 16.22 70.81 105.60
C ARG A 198 17.02 72.04 105.22
N LEU A 199 17.31 72.84 106.25
CA LEU A 199 17.92 74.16 106.10
C LEU A 199 19.33 74.15 105.51
N ASP A 200 20.16 73.15 105.83
CA ASP A 200 21.53 73.22 105.29
C ASP A 200 21.48 72.90 103.80
N GLU A 201 20.69 71.88 103.45
CA GLU A 201 20.54 71.51 102.06
C GLU A 201 19.84 72.64 101.29
N ALA A 202 18.88 73.31 101.94
CA ALA A 202 18.16 74.38 101.29
C ALA A 202 19.11 75.48 100.94
N ALA A 203 20.01 75.81 101.88
CA ALA A 203 20.97 76.86 101.64
C ALA A 203 21.85 76.54 100.45
N GLU A 204 22.29 75.26 100.33
CA GLU A 204 23.15 74.91 99.20
C GLU A 204 22.37 75.03 97.90
N ALA A 205 21.12 74.57 97.90
CA ALA A 205 20.32 74.65 96.69
C ALA A 205 20.11 76.09 96.24
N TYR A 206 19.86 76.99 97.22
CA TYR A 206 19.66 78.42 96.90
C TYR A 206 20.94 78.99 96.31
N LYS A 207 22.09 78.63 96.90
CA LYS A 207 23.34 79.13 96.41
C LYS A 207 23.58 78.67 95.00
N LYS A 208 23.29 77.39 94.69
CA LYS A 208 23.55 76.95 93.34
C LYS A 208 22.72 77.73 92.36
N ALA A 209 21.48 78.02 92.68
CA ALA A 209 20.72 78.78 91.69
C ALA A 209 21.40 80.14 91.40
N ILE A 210 21.91 80.79 92.44
CA ILE A 210 22.59 82.07 92.27
C ILE A 210 23.94 81.96 91.52
N GLU A 211 24.76 80.99 91.94
CA GLU A 211 26.11 80.75 91.39
C GLU A 211 26.16 80.18 89.95
N LEU A 212 25.22 79.28 89.61
CA LEU A 212 25.22 78.62 88.29
C LEU A 212 25.09 79.59 87.14
N ASP A 213 24.25 80.57 87.30
CA ASP A 213 24.11 81.54 86.25
C ASP A 213 23.97 82.89 86.91
N PRO A 214 25.07 83.68 86.97
CA PRO A 214 25.15 84.99 87.57
C PRO A 214 24.18 85.99 86.96
N ASN A 215 23.49 85.61 85.84
CA ASN A 215 22.52 86.51 85.27
C ASN A 215 21.16 85.80 85.33
N ASP A 216 20.84 85.28 86.53
CA ASP A 216 19.53 84.68 86.83
C ASP A 216 18.84 85.59 87.86
N SER B 2 -12.88 -55.65 -7.58
CA SER B 2 -12.41 -56.25 -8.83
C SER B 2 -13.40 -57.31 -9.27
N LYS B 3 -14.52 -57.38 -8.52
CA LYS B 3 -15.60 -58.34 -8.80
C LYS B 3 -16.10 -58.15 -10.23
N ASP B 4 -16.14 -56.92 -10.72
CA ASP B 4 -16.60 -56.72 -12.07
C ASP B 4 -15.73 -57.50 -13.07
N THR B 5 -14.42 -57.65 -12.79
CA THR B 5 -13.54 -58.38 -13.69
C THR B 5 -13.96 -59.85 -13.65
N GLU B 6 -14.19 -60.38 -12.41
CA GLU B 6 -14.61 -61.78 -12.27
C GLU B 6 -15.94 -62.05 -13.01
N ASP B 7 -16.91 -61.15 -12.82
CA ASP B 7 -18.20 -61.32 -13.49
C ASP B 7 -18.04 -61.23 -14.99
N SER B 8 -17.19 -60.33 -15.47
CA SER B 8 -16.95 -60.17 -16.90
C SER B 8 -16.41 -61.47 -17.47
N ARG B 9 -15.43 -62.08 -16.77
CA ARG B 9 -14.87 -63.34 -17.22
C ARG B 9 -15.93 -64.46 -17.30
N LYS B 10 -16.84 -64.55 -16.29
CA LYS B 10 -17.91 -65.57 -16.33
C LYS B 10 -18.84 -65.36 -17.53
N ILE B 11 -19.16 -64.11 -17.83
CA ILE B 11 -20.00 -63.77 -18.97
C ILE B 11 -19.30 -64.16 -20.25
N TRP B 12 -18.05 -63.78 -20.38
CA TRP B 12 -17.30 -64.09 -21.57
C TRP B 12 -17.16 -65.59 -21.76
N ARG B 13 -16.87 -66.33 -20.68
CA ARG B 13 -16.74 -67.77 -20.75
C ARG B 13 -18.05 -68.41 -21.23
N THR B 14 -19.20 -67.93 -20.70
CA THR B 14 -20.51 -68.45 -21.11
C THR B 14 -20.71 -68.24 -22.60
N ILE B 15 -20.43 -67.04 -23.07
CA ILE B 15 -20.61 -66.71 -24.48
C ILE B 15 -19.78 -67.64 -25.34
N MET B 16 -18.50 -67.77 -24.96
CA MET B 16 -17.58 -68.61 -25.66
C MET B 16 -18.03 -70.06 -25.71
N LEU B 17 -18.42 -70.65 -24.56
CA LEU B 17 -18.81 -72.06 -24.52
C LEU B 17 -20.07 -72.36 -25.33
N LEU B 18 -21.05 -71.45 -25.31
CA LEU B 18 -22.26 -71.72 -26.09
C LEU B 18 -21.83 -71.87 -27.57
N LEU B 19 -20.93 -70.98 -27.99
CA LEU B 19 -20.43 -71.04 -29.35
C LEU B 19 -19.52 -72.21 -29.68
N VAL B 20 -18.51 -72.46 -28.83
CA VAL B 20 -17.57 -73.51 -29.15
C VAL B 20 -18.31 -74.81 -29.30
N PHE B 21 -19.28 -75.10 -28.42
CA PHE B 21 -20.05 -76.33 -28.54
C PHE B 21 -20.69 -76.37 -29.96
N ALA B 22 -21.37 -75.26 -30.35
CA ALA B 22 -22.04 -75.23 -31.67
C ALA B 22 -21.09 -75.49 -32.87
N ILE B 23 -19.87 -74.93 -32.79
CA ILE B 23 -18.88 -75.05 -33.87
C ILE B 23 -18.35 -76.47 -33.91
N LEU B 24 -18.08 -77.09 -32.76
CA LEU B 24 -17.58 -78.46 -32.77
C LEU B 24 -18.59 -79.37 -33.42
N LEU B 25 -19.82 -79.20 -32.97
CA LEU B 25 -20.82 -80.08 -33.49
C LEU B 25 -21.06 -79.85 -34.95
N SER B 26 -21.12 -78.60 -35.40
CA SER B 26 -21.38 -78.35 -36.80
C SER B 26 -20.31 -78.91 -37.70
N ALA B 27 -19.04 -78.79 -37.32
CA ALA B 27 -18.00 -79.33 -38.16
C ALA B 27 -18.19 -80.87 -38.30
N ILE B 28 -18.56 -81.53 -37.20
CA ILE B 28 -18.90 -82.95 -37.16
C ILE B 28 -20.06 -83.25 -38.12
N ILE B 29 -21.10 -82.42 -38.02
CA ILE B 29 -22.32 -82.63 -38.80
C ILE B 29 -22.00 -82.48 -40.30
N TRP B 30 -21.21 -81.47 -40.70
CA TRP B 30 -20.89 -81.28 -42.13
C TRP B 30 -20.36 -82.65 -42.65
N TYR B 31 -19.39 -83.23 -41.95
CA TYR B 31 -18.87 -84.53 -42.38
C TYR B 31 -19.95 -85.62 -42.44
N GLN B 32 -20.69 -85.78 -41.36
CA GLN B 32 -21.68 -86.84 -41.24
C GLN B 32 -22.80 -86.80 -42.31
N ILE B 33 -23.27 -85.60 -42.67
CA ILE B 33 -24.33 -85.38 -43.67
C ILE B 33 -23.89 -85.97 -45.04
N THR B 34 -22.68 -85.57 -45.45
CA THR B 34 -22.11 -86.02 -46.76
C THR B 34 -21.96 -87.54 -46.76
N THR B 35 -21.47 -88.06 -45.67
CA THR B 35 -21.19 -89.47 -45.51
C THR B 35 -22.44 -90.38 -45.52
N ASN B 36 -23.45 -90.06 -44.73
CA ASN B 36 -24.63 -90.89 -44.63
C ASN B 36 -25.90 -90.24 -45.26
N PRO B 37 -26.33 -90.60 -46.52
CA PRO B 37 -27.45 -90.05 -47.27
C PRO B 37 -28.80 -90.48 -46.81
N ASP B 38 -29.21 -90.18 -45.62
CA ASP B 38 -30.45 -90.59 -45.04
C ASP B 38 -31.08 -89.41 -44.32
N THR B 39 -32.18 -88.88 -44.91
CA THR B 39 -32.79 -87.62 -44.49
C THR B 39 -33.17 -87.59 -43.03
N SER B 40 -33.39 -88.79 -42.47
CA SER B 40 -33.81 -89.16 -41.14
C SER B 40 -32.75 -88.90 -40.10
N GLN B 41 -31.48 -88.89 -40.51
CA GLN B 41 -30.36 -88.75 -39.64
C GLN B 41 -29.92 -87.32 -39.91
N ILE B 42 -30.09 -86.94 -41.19
CA ILE B 42 -29.52 -85.66 -41.57
C ILE B 42 -30.17 -84.44 -40.92
N ALA B 43 -31.49 -84.37 -41.01
CA ALA B 43 -32.31 -83.25 -40.59
C ALA B 43 -32.54 -83.43 -39.13
N THR B 44 -32.08 -84.51 -38.56
CA THR B 44 -32.17 -84.76 -37.16
C THR B 44 -31.15 -83.86 -36.51
N LEU B 45 -29.93 -83.99 -37.07
CA LEU B 45 -28.76 -83.23 -36.70
C LEU B 45 -28.97 -81.72 -36.94
N LEU B 46 -29.64 -81.35 -38.09
CA LEU B 46 -29.86 -79.91 -38.31
C LEU B 46 -30.80 -79.32 -37.27
N SER B 47 -31.89 -80.03 -36.91
CA SER B 47 -32.81 -79.46 -35.92
C SER B 47 -32.13 -79.28 -34.60
N MET B 48 -31.22 -80.22 -34.29
CA MET B 48 -30.46 -80.14 -33.08
C MET B 48 -29.59 -78.88 -33.11
N GLN B 49 -28.89 -78.64 -34.25
CA GLN B 49 -28.01 -77.48 -34.35
C GLN B 49 -28.83 -76.20 -34.21
N LEU B 50 -30.00 -76.21 -34.86
CA LEU B 50 -30.81 -75.01 -34.74
C LEU B 50 -31.22 -74.71 -33.35
N LEU B 51 -31.56 -75.74 -32.59
CA LEU B 51 -31.88 -75.50 -31.22
C LEU B 51 -30.65 -74.98 -30.49
N LEU B 52 -29.47 -75.60 -30.70
CA LEU B 52 -28.36 -75.11 -29.92
C LEU B 52 -28.13 -73.61 -30.17
N ILE B 53 -28.30 -73.16 -31.44
CA ILE B 53 -28.18 -71.75 -31.79
C ILE B 53 -29.23 -70.95 -31.07
N ALA B 54 -30.46 -71.47 -31.09
CA ALA B 54 -31.60 -70.85 -30.45
C ALA B 54 -31.28 -70.42 -29.08
N LEU B 55 -30.82 -71.39 -28.30
CA LEU B 55 -30.48 -71.25 -26.92
C LEU B 55 -29.31 -70.32 -26.70
N MET B 56 -28.21 -70.64 -27.42
CA MET B 56 -26.97 -69.84 -27.33
C MET B 56 -27.31 -68.40 -27.40
N LEU B 57 -28.07 -68.04 -28.40
CA LEU B 57 -28.38 -66.68 -28.52
C LEU B 57 -29.19 -66.08 -27.44
N VAL B 58 -30.22 -66.81 -26.98
CA VAL B 58 -31.06 -66.21 -25.99
C VAL B 58 -30.28 -65.93 -24.74
N VAL B 59 -29.44 -66.91 -24.36
CA VAL B 59 -28.65 -66.76 -23.18
C VAL B 59 -27.74 -65.56 -23.29
N ILE B 60 -27.12 -65.41 -24.49
CA ILE B 60 -26.25 -64.26 -24.71
C ILE B 60 -27.03 -62.97 -24.61
N ALA B 61 -28.19 -62.91 -25.26
CA ALA B 61 -28.96 -61.68 -25.19
C ALA B 61 -29.28 -61.33 -23.75
N LEU B 62 -29.57 -62.35 -22.93
CA LEU B 62 -29.84 -62.12 -21.53
C LEU B 62 -28.59 -61.50 -20.86
N LEU B 63 -27.40 -62.05 -21.21
CA LEU B 63 -26.14 -61.54 -20.66
C LEU B 63 -25.94 -60.08 -21.05
N LEU B 64 -26.29 -59.70 -22.30
CA LEU B 64 -26.16 -58.30 -22.73
C LEU B 64 -27.04 -57.38 -21.90
N SER B 65 -28.27 -57.84 -21.64
CA SER B 65 -29.19 -57.06 -20.81
C SER B 65 -28.58 -56.87 -19.41
N ARG B 66 -28.06 -57.95 -18.84
CA ARG B 66 -27.46 -57.88 -17.52
C ARG B 66 -26.25 -56.94 -17.52
N GLN B 67 -25.38 -57.05 -18.52
CA GLN B 67 -24.19 -56.21 -18.51
C GLN B 67 -24.57 -54.74 -18.64
N THR B 68 -25.61 -54.45 -19.44
CA THR B 68 -26.04 -53.05 -19.60
C THR B 68 -26.43 -52.49 -18.25
N GLU B 69 -27.25 -53.23 -17.51
CA GLU B 69 -27.69 -52.78 -16.20
C GLU B 69 -26.52 -52.60 -15.24
N GLN B 70 -25.56 -53.55 -15.24
CA GLN B 70 -24.43 -53.48 -14.31
C GLN B 70 -23.59 -52.23 -14.54
N VAL B 71 -23.33 -51.92 -15.81
CA VAL B 71 -22.52 -50.76 -16.13
C VAL B 71 -23.24 -49.49 -15.73
N ALA B 72 -24.52 -49.39 -16.12
CA ALA B 72 -25.31 -48.22 -15.82
C ALA B 72 -25.47 -47.96 -14.31
N GLU B 73 -25.66 -49.04 -13.52
CA GLU B 73 -25.82 -48.89 -12.08
C GLU B 73 -24.53 -48.40 -11.44
N SER B 74 -23.39 -48.93 -11.91
CA SER B 74 -22.10 -48.51 -11.37
C SER B 74 -21.92 -47.02 -11.57
N ILE B 75 -22.27 -46.55 -12.77
CA ILE B 75 -22.14 -45.13 -13.05
C ILE B 75 -23.09 -44.36 -12.15
N ARG B 76 -24.35 -44.79 -12.06
CA ARG B 76 -25.31 -44.08 -11.22
C ARG B 76 -24.74 -43.89 -9.79
N ARG B 77 -24.18 -44.98 -9.21
CA ARG B 77 -23.60 -44.91 -7.86
C ARG B 77 -22.46 -43.91 -7.79
N ASP B 78 -21.47 -44.01 -8.70
CA ASP B 78 -20.34 -43.09 -8.64
C ASP B 78 -20.75 -41.63 -8.79
N VAL B 79 -21.70 -41.38 -9.69
CA VAL B 79 -22.14 -40.02 -9.92
C VAL B 79 -22.84 -39.49 -8.67
N SER B 80 -23.75 -40.32 -8.11
CA SER B 80 -24.50 -39.93 -6.94
C SER B 80 -23.58 -39.67 -5.77
N ALA B 81 -22.57 -40.53 -5.55
CA ALA B 81 -21.70 -40.30 -4.40
C ALA B 81 -20.99 -38.94 -4.53
N LEU B 82 -20.51 -38.57 -5.74
CA LEU B 82 -19.88 -37.26 -5.84
C LEU B 82 -20.90 -36.17 -5.61
N ALA B 83 -22.13 -36.36 -6.13
CA ALA B 83 -23.17 -35.36 -5.96
C ALA B 83 -23.50 -35.16 -4.48
N TYR B 84 -23.51 -36.24 -3.70
CA TYR B 84 -23.82 -36.09 -2.29
C TYR B 84 -22.73 -35.37 -1.57
N VAL B 85 -21.45 -35.59 -1.94
CA VAL B 85 -20.40 -34.84 -1.26
C VAL B 85 -20.60 -33.36 -1.59
N MET B 86 -20.83 -33.06 -2.88
CA MET B 86 -21.02 -31.70 -3.32
C MET B 86 -22.24 -31.08 -2.66
N LEU B 87 -23.30 -31.86 -2.51
CA LEU B 87 -24.51 -31.42 -1.87
C LEU B 87 -24.22 -31.06 -0.45
N GLY B 88 -23.48 -31.93 0.25
CA GLY B 88 -23.12 -31.66 1.62
C GLY B 88 -22.36 -30.36 1.73
N LEU B 89 -21.41 -30.11 0.80
CA LEU B 89 -20.63 -28.87 0.83
C LEU B 89 -21.56 -27.65 0.66
N LEU B 90 -22.55 -27.71 -0.27
CA LEU B 90 -23.47 -26.59 -0.45
C LEU B 90 -24.33 -26.33 0.76
N LEU B 91 -24.84 -27.38 1.36
CA LEU B 91 -25.67 -27.21 2.53
C LEU B 91 -24.86 -26.64 3.65
N SER B 92 -23.63 -27.11 3.81
CA SER B 92 -22.73 -26.62 4.84
C SER B 92 -22.47 -25.10 4.63
N LEU B 93 -22.22 -24.71 3.37
CA LEU B 93 -21.95 -23.31 3.03
C LEU B 93 -23.10 -22.36 3.45
N LEU B 94 -24.35 -22.84 3.33
CA LEU B 94 -25.57 -22.08 3.72
C LEU B 94 -25.90 -22.26 5.21
N ASN B 95 -25.01 -22.91 5.92
CA ASN B 95 -25.06 -23.28 7.32
C ASN B 95 -26.21 -24.24 7.64
N ARG B 96 -26.56 -25.07 6.67
CA ARG B 96 -27.57 -26.09 6.85
C ARG B 96 -26.81 -27.31 7.30
N LEU B 97 -26.24 -27.19 8.46
CA LEU B 97 -25.34 -28.20 8.97
C LEU B 97 -25.98 -29.54 9.23
N SER B 98 -27.19 -29.58 9.74
CA SER B 98 -27.74 -30.89 10.00
C SER B 98 -27.99 -31.62 8.68
N LEU B 99 -28.40 -30.84 7.67
CA LEU B 99 -28.69 -31.40 6.35
C LEU B 99 -27.38 -31.76 5.67
N ALA B 100 -26.32 -30.95 5.88
CA ALA B 100 -25.02 -31.25 5.27
C ALA B 100 -24.52 -32.60 5.80
N ALA B 101 -24.70 -32.83 7.11
CA ALA B 101 -24.26 -34.09 7.68
C ALA B 101 -24.97 -35.25 7.00
N GLU B 102 -26.28 -35.10 6.75
CA GLU B 102 -27.01 -36.17 6.10
C GLU B 102 -26.45 -36.45 4.70
N ALA B 103 -26.14 -35.37 3.95
CA ALA B 103 -25.60 -35.57 2.60
C ALA B 103 -24.24 -36.29 2.63
N TYR B 104 -23.38 -35.94 3.61
CA TYR B 104 -22.08 -36.60 3.67
C TYR B 104 -22.25 -38.05 4.02
N LYS B 105 -23.19 -38.35 4.93
CA LYS B 105 -23.44 -39.73 5.32
C LYS B 105 -23.84 -40.54 4.09
N LYS B 106 -24.73 -39.99 3.24
CA LYS B 106 -25.16 -40.73 2.02
C LYS B 106 -23.96 -41.00 1.11
N ALA B 107 -23.07 -40.02 0.94
CA ALA B 107 -21.90 -40.24 0.08
C ALA B 107 -21.04 -41.39 0.63
N ILE B 108 -20.88 -41.44 1.96
CA ILE B 108 -20.10 -42.50 2.64
C ILE B 108 -20.77 -43.86 2.43
N GLU B 109 -22.07 -43.95 2.60
CA GLU B 109 -22.72 -45.24 2.38
C GLU B 109 -22.50 -45.70 0.94
N LEU B 110 -22.60 -44.79 -0.02
CA LEU B 110 -22.37 -45.15 -1.42
C LEU B 110 -20.91 -45.58 -1.62
N ASP B 111 -19.97 -44.88 -0.96
CA ASP B 111 -18.58 -45.25 -1.04
C ASP B 111 -17.88 -45.06 0.34
N PRO B 112 -17.78 -46.15 1.17
CA PRO B 112 -17.22 -46.19 2.51
C PRO B 112 -15.77 -45.77 2.59
N ASN B 113 -15.08 -45.66 1.46
CA ASN B 113 -13.69 -45.26 1.56
C ASN B 113 -13.54 -43.88 0.95
N ASP B 114 -14.59 -43.10 1.09
CA ASP B 114 -14.53 -41.73 0.67
C ASP B 114 -14.03 -40.90 1.84
N ALA B 115 -12.68 -40.79 1.93
CA ALA B 115 -12.05 -40.09 3.05
C ALA B 115 -12.52 -38.67 3.11
N LEU B 116 -12.75 -38.06 1.95
CA LEU B 116 -13.20 -36.68 1.94
C LEU B 116 -14.55 -36.59 2.61
N ALA B 117 -15.49 -37.44 2.21
CA ALA B 117 -16.80 -37.37 2.82
C ALA B 117 -16.70 -37.60 4.33
N TRP B 118 -15.82 -38.53 4.77
CA TRP B 118 -15.68 -38.78 6.22
C TRP B 118 -15.12 -37.56 6.96
N LEU B 119 -14.10 -36.93 6.38
CA LEU B 119 -13.47 -35.77 6.97
C LEU B 119 -14.50 -34.66 7.13
N LEU B 120 -15.21 -34.39 6.02
CA LEU B 120 -16.18 -33.30 5.99
C LEU B 120 -17.32 -33.56 6.95
N LEU B 121 -17.76 -34.83 7.05
CA LEU B 121 -18.81 -35.16 8.00
C LEU B 121 -18.32 -34.81 9.38
N GLY B 122 -17.07 -35.19 9.68
CA GLY B 122 -16.44 -34.90 10.97
C GLY B 122 -16.53 -33.43 11.29
N SER B 123 -16.13 -32.58 10.34
CA SER B 123 -16.17 -31.13 10.54
C SER B 123 -17.58 -30.62 10.87
N VAL B 124 -18.59 -31.09 10.12
CA VAL B 124 -19.96 -30.64 10.41
C VAL B 124 -20.39 -31.11 11.80
N LEU B 125 -20.10 -32.37 12.14
CA LEU B 125 -20.50 -32.89 13.43
C LEU B 125 -19.86 -32.07 14.54
N GLU B 126 -18.59 -31.69 14.37
CA GLU B 126 -17.98 -30.84 15.36
C GLU B 126 -18.73 -29.51 15.45
N LYS B 127 -19.05 -28.90 14.30
CA LYS B 127 -19.75 -27.61 14.31
C LYS B 127 -21.11 -27.71 15.02
N LEU B 128 -21.76 -28.87 14.88
CA LEU B 128 -23.05 -29.18 15.52
C LEU B 128 -22.89 -29.63 16.98
N LYS B 129 -21.65 -29.64 17.48
CA LYS B 129 -21.25 -30.07 18.82
C LYS B 129 -21.40 -31.59 19.06
N ARG B 130 -21.48 -32.36 17.97
CA ARG B 130 -21.52 -33.81 18.08
C ARG B 130 -20.08 -34.29 18.03
N LEU B 131 -19.37 -33.96 19.09
CA LEU B 131 -17.94 -34.18 19.19
C LEU B 131 -17.50 -35.64 19.18
N ASP B 132 -18.29 -36.53 19.75
CA ASP B 132 -17.86 -37.92 19.80
C ASP B 132 -17.99 -38.52 18.40
N GLU B 133 -19.13 -38.24 17.80
CA GLU B 133 -19.39 -38.71 16.45
C GLU B 133 -18.36 -38.07 15.49
N ALA B 134 -18.01 -36.79 15.75
CA ALA B 134 -17.03 -36.11 14.90
C ALA B 134 -15.68 -36.82 14.99
N ALA B 135 -15.27 -37.19 16.22
CA ALA B 135 -14.01 -37.87 16.38
C ALA B 135 -13.98 -39.18 15.60
N GLU B 136 -15.09 -39.91 15.62
CA GLU B 136 -15.13 -41.18 14.90
C GLU B 136 -15.02 -40.94 13.39
N ALA B 137 -15.71 -39.92 12.88
CA ALA B 137 -15.63 -39.64 11.47
C ALA B 137 -14.20 -39.29 11.07
N TYR B 138 -13.51 -38.51 11.92
CA TYR B 138 -12.13 -38.18 11.60
C TYR B 138 -11.27 -39.42 11.65
N LYS B 139 -11.48 -40.27 12.64
CA LYS B 139 -10.69 -41.48 12.74
C LYS B 139 -10.77 -42.25 11.42
N LYS B 140 -11.99 -42.38 10.84
CA LYS B 140 -12.11 -43.08 9.56
C LYS B 140 -11.35 -42.38 8.45
N ALA B 141 -11.47 -41.04 8.38
CA ALA B 141 -10.75 -40.34 7.32
C ALA B 141 -9.25 -40.55 7.42
N ILE B 142 -8.75 -40.54 8.67
CA ILE B 142 -7.32 -40.72 8.98
C ILE B 142 -6.88 -42.14 8.62
N GLU B 143 -7.66 -43.16 9.00
CA GLU B 143 -7.25 -44.54 8.65
C GLU B 143 -7.15 -44.67 7.12
N LEU B 144 -8.08 -44.04 6.39
CA LEU B 144 -8.03 -44.07 4.93
C LEU B 144 -6.80 -43.29 4.42
N LYS B 145 -6.49 -42.14 5.04
CA LYS B 145 -5.33 -41.33 4.67
C LYS B 145 -4.49 -40.94 5.91
N PRO B 146 -3.57 -41.82 6.37
CA PRO B 146 -2.74 -41.71 7.56
C PRO B 146 -1.84 -40.50 7.57
N ASN B 147 -1.63 -39.89 6.41
CA ASN B 147 -0.77 -38.75 6.34
C ASN B 147 -1.56 -37.47 5.97
N ASP B 148 -2.79 -37.41 6.48
CA ASP B 148 -3.57 -36.21 6.35
C ASP B 148 -3.36 -35.36 7.58
N ALA B 149 -2.36 -34.49 7.52
CA ALA B 149 -1.98 -33.70 8.68
C ALA B 149 -3.16 -32.84 9.15
N SER B 150 -3.96 -32.35 8.19
CA SER B 150 -5.09 -31.54 8.58
C SER B 150 -6.08 -32.38 9.37
N ALA B 151 -6.38 -33.59 8.88
CA ALA B 151 -7.34 -34.43 9.62
C ALA B 151 -6.83 -34.70 11.03
N TRP B 152 -5.51 -34.92 11.17
CA TRP B 152 -4.95 -35.18 12.51
C TRP B 152 -5.13 -33.97 13.42
N LYS B 153 -4.86 -32.78 12.89
CA LYS B 153 -5.03 -31.56 13.65
C LYS B 153 -6.49 -31.37 14.09
N GLU B 154 -7.42 -31.61 13.13
CA GLU B 154 -8.85 -31.45 13.40
C GLU B 154 -9.31 -32.47 14.44
N LEU B 155 -8.78 -33.71 14.37
CA LEU B 155 -9.09 -34.73 15.36
C LEU B 155 -8.64 -34.21 16.72
N GLY B 156 -7.42 -33.65 16.76
CA GLY B 156 -6.86 -33.08 17.97
C GLY B 156 -7.83 -32.12 18.59
N LYS B 157 -8.34 -31.15 17.78
CA LYS B 157 -9.29 -30.15 18.29
C LYS B 157 -10.53 -30.80 18.88
N VAL B 158 -11.07 -31.83 18.21
CA VAL B 158 -12.25 -32.49 18.74
C VAL B 158 -11.93 -33.17 20.08
N LEU B 159 -10.80 -33.88 20.13
CA LEU B 159 -10.42 -34.59 21.34
C LEU B 159 -10.25 -33.64 22.50
N GLU B 160 -9.62 -32.48 22.26
CA GLU B 160 -9.47 -31.50 23.33
C GLU B 160 -10.86 -31.06 23.82
N LYS B 161 -11.78 -30.79 22.87
CA LYS B 161 -13.13 -30.37 23.25
C LYS B 161 -13.84 -31.45 24.08
N LEU B 162 -13.50 -32.73 23.83
CA LEU B 162 -14.05 -33.88 24.58
C LEU B 162 -13.36 -34.07 25.93
N GLY B 163 -12.38 -33.23 26.24
CA GLY B 163 -11.64 -33.32 27.48
C GLY B 163 -10.48 -34.30 27.38
N ARG B 164 -10.28 -34.87 26.18
CA ARG B 164 -9.25 -35.87 25.97
C ARG B 164 -7.93 -35.21 25.64
N LEU B 165 -7.37 -34.53 26.60
CA LEU B 165 -6.15 -33.76 26.43
C LEU B 165 -4.94 -34.60 26.05
N ASP B 166 -4.84 -35.81 26.55
CA ASP B 166 -3.66 -36.59 26.23
C ASP B 166 -3.74 -37.07 24.78
N GLU B 167 -4.91 -37.60 24.41
CA GLU B 167 -5.12 -38.06 23.05
C GLU B 167 -5.03 -36.87 22.08
N ALA B 168 -5.53 -35.69 22.52
CA ALA B 168 -5.47 -34.51 21.65
C ALA B 168 -4.03 -34.17 21.35
N ALA B 169 -3.17 -34.20 22.39
CA ALA B 169 -1.77 -33.88 22.17
C ALA B 169 -1.15 -34.84 21.19
N GLU B 170 -1.47 -36.12 21.29
CA GLU B 170 -0.91 -37.07 20.37
C GLU B 170 -1.35 -36.75 18.93
N ALA B 171 -2.65 -36.44 18.74
CA ALA B 171 -3.14 -36.14 17.40
C ALA B 171 -2.45 -34.89 16.82
N TYR B 172 -2.24 -33.87 17.66
CA TYR B 172 -1.55 -32.67 17.17
C TYR B 172 -0.12 -33.00 16.83
N LYS B 173 0.52 -33.80 17.67
CA LYS B 173 1.88 -34.18 17.42
C LYS B 173 1.98 -34.86 16.08
N LYS B 174 1.05 -35.78 15.78
CA LYS B 174 1.11 -36.44 14.49
C LYS B 174 0.96 -35.43 13.34
N ALA B 175 0.03 -34.43 13.49
CA ALA B 175 -0.13 -33.42 12.42
C ALA B 175 1.18 -32.68 12.20
N ILE B 176 1.86 -32.38 13.31
CA ILE B 176 3.14 -31.69 13.32
C ILE B 176 4.22 -32.52 12.66
N GLU B 177 4.30 -33.82 12.97
CA GLU B 177 5.34 -34.62 12.32
C GLU B 177 5.12 -34.61 10.80
N LEU B 178 3.85 -34.69 10.38
CA LEU B 178 3.52 -34.67 8.96
C LEU B 178 3.87 -33.33 8.32
N ASP B 179 3.60 -32.23 9.02
CA ASP B 179 3.99 -30.92 8.52
C ASP B 179 4.48 -30.03 9.68
N PRO B 180 5.80 -30.04 9.96
CA PRO B 180 6.49 -29.34 11.03
C PRO B 180 6.35 -27.83 11.00
N GLU B 181 5.93 -27.25 9.85
CA GLU B 181 5.83 -25.80 9.74
C GLU B 181 4.45 -25.30 10.16
N ASP B 182 3.56 -26.22 10.57
CA ASP B 182 2.22 -25.78 10.90
C ASP B 182 2.20 -25.11 12.25
N ALA B 183 2.42 -23.78 12.21
CA ALA B 183 2.49 -22.95 13.40
C ALA B 183 1.20 -23.04 14.21
N GLU B 184 0.04 -23.16 13.52
CA GLU B 184 -1.23 -23.29 14.24
C GLU B 184 -1.20 -24.57 15.08
N ALA B 185 -0.79 -25.68 14.45
CA ALA B 185 -0.75 -26.96 15.17
C ALA B 185 0.17 -26.85 16.38
N TRP B 186 1.28 -26.15 16.23
CA TRP B 186 2.21 -25.99 17.35
C TRP B 186 1.57 -25.20 18.50
N LYS B 187 0.88 -24.12 18.18
CA LYS B 187 0.23 -23.32 19.21
C LYS B 187 -0.85 -24.11 19.91
N GLU B 188 -1.65 -24.87 19.12
CA GLU B 188 -2.72 -25.66 19.69
C GLU B 188 -2.13 -26.80 20.56
N LEU B 189 -0.98 -27.36 20.15
CA LEU B 189 -0.31 -28.38 20.95
C LEU B 189 -0.01 -27.77 22.29
N GLY B 190 0.56 -26.53 22.26
CA GLY B 190 0.90 -25.78 23.46
C GLY B 190 -0.31 -25.66 24.38
N LYS B 191 -1.45 -25.19 23.83
CA LYS B 191 -2.67 -25.04 24.67
C LYS B 191 -3.03 -26.34 25.37
N VAL B 192 -2.97 -27.45 24.64
CA VAL B 192 -3.27 -28.71 25.27
C VAL B 192 -2.27 -29.04 26.37
N LEU B 193 -0.99 -28.88 26.07
CA LEU B 193 0.05 -29.20 27.04
C LEU B 193 -0.10 -28.34 28.31
N GLU B 194 -0.45 -27.05 28.14
CA GLU B 194 -0.65 -26.20 29.31
C GLU B 194 -1.78 -26.71 30.15
N LYS B 195 -2.93 -27.00 29.51
CA LYS B 195 -4.10 -27.49 30.23
C LYS B 195 -3.83 -28.77 30.95
N LEU B 196 -2.99 -29.59 30.33
CA LEU B 196 -2.58 -30.88 30.80
C LEU B 196 -1.53 -30.79 31.90
N GLY B 197 -1.01 -29.58 32.18
CA GLY B 197 0.00 -29.36 33.19
C GLY B 197 1.45 -29.56 32.71
N ARG B 198 1.63 -29.85 31.41
CA ARG B 198 2.96 -30.09 30.86
C ARG B 198 3.52 -28.72 30.40
N LEU B 199 3.81 -27.88 31.39
CA LEU B 199 4.20 -26.46 31.15
C LEU B 199 5.51 -26.29 30.41
N ASP B 200 6.48 -27.17 30.62
CA ASP B 200 7.75 -26.94 29.93
C ASP B 200 7.59 -27.30 28.46
N GLU B 201 6.90 -28.40 28.21
CA GLU B 201 6.67 -28.83 26.84
C GLU B 201 5.79 -27.76 26.12
N ALA B 202 4.81 -27.18 26.88
CA ALA B 202 3.91 -26.17 26.30
C ALA B 202 4.72 -24.96 25.85
N ALA B 203 5.68 -24.54 26.69
CA ALA B 203 6.52 -23.39 26.35
C ALA B 203 7.27 -23.64 25.05
N GLU B 204 7.82 -24.84 24.88
CA GLU B 204 8.54 -25.10 23.65
C GLU B 204 7.57 -25.04 22.45
N ALA B 205 6.38 -25.61 22.61
CA ALA B 205 5.39 -25.60 21.54
C ALA B 205 4.98 -24.16 21.16
N TYR B 206 4.81 -23.30 22.18
CA TYR B 206 4.42 -21.90 21.93
C TYR B 206 5.51 -21.18 21.15
N LYS B 207 6.79 -21.43 21.53
CA LYS B 207 7.87 -20.76 20.81
C LYS B 207 7.88 -21.14 19.34
N LYS B 208 7.70 -22.43 19.03
CA LYS B 208 7.73 -22.79 17.60
C LYS B 208 6.59 -22.07 16.87
N ALA B 209 5.41 -22.01 17.47
CA ALA B 209 4.34 -21.32 16.76
C ALA B 209 4.73 -19.86 16.47
N ILE B 210 5.36 -19.24 17.44
CA ILE B 210 5.79 -17.87 17.28
C ILE B 210 6.89 -17.67 16.23
N GLU B 211 7.93 -18.52 16.29
CA GLU B 211 9.08 -18.43 15.40
C GLU B 211 8.81 -18.81 13.95
N LEU B 212 7.98 -19.83 13.71
CA LEU B 212 7.70 -20.30 12.36
C LEU B 212 7.05 -19.23 11.51
N ASP B 213 6.14 -18.50 12.10
CA ASP B 213 5.50 -17.43 11.38
C ASP B 213 5.36 -16.26 12.33
N PRO B 214 6.27 -15.27 12.25
CA PRO B 214 6.33 -14.08 13.08
C PRO B 214 5.05 -13.22 13.03
N ASN B 215 4.11 -13.54 12.10
CA ASN B 215 2.88 -12.78 12.06
C ASN B 215 1.73 -13.74 12.38
N ASP B 216 1.92 -14.52 13.43
CA ASP B 216 0.90 -15.41 13.99
C ASP B 216 0.48 -14.84 15.34
N SER C 2 17.28 52.42 10.63
CA SER C 2 16.50 53.33 11.46
C SER C 2 17.35 54.58 11.79
N LYS C 3 18.58 54.61 11.16
CA LYS C 3 19.53 55.75 11.33
C LYS C 3 18.85 57.05 10.91
N ASP C 4 18.03 57.04 9.86
CA ASP C 4 17.39 58.26 9.44
C ASP C 4 16.51 58.86 10.55
N THR C 5 15.88 58.03 11.40
CA THR C 5 15.05 58.56 12.47
C THR C 5 15.96 59.26 13.47
N GLU C 6 17.07 58.59 13.82
CA GLU C 6 18.02 59.18 14.75
C GLU C 6 18.60 60.50 14.21
N ASP C 7 19.01 60.50 12.93
CA ASP C 7 19.59 61.71 12.33
C ASP C 7 18.56 62.84 12.26
N SER C 8 17.30 62.52 11.95
CA SER C 8 16.26 63.55 11.88
C SER C 8 16.11 64.23 13.24
N ARG C 9 16.06 63.42 14.31
CA ARG C 9 15.94 63.98 15.66
C ARG C 9 17.15 64.88 15.99
N LYS C 10 18.37 64.46 15.62
CA LYS C 10 19.57 65.28 15.87
C LYS C 10 19.52 66.61 15.13
N ILE C 11 19.03 66.60 13.89
CA ILE C 11 18.91 67.83 13.13
C ILE C 11 17.92 68.78 13.81
N TRP C 12 16.72 68.25 14.18
CA TRP C 12 15.71 69.09 14.85
C TRP C 12 16.25 69.66 16.16
N ARG C 13 16.87 68.79 16.98
CA ARG C 13 17.40 69.22 18.25
C ARG C 13 18.45 70.32 18.04
N THR C 14 19.30 70.16 17.02
CA THR C 14 20.32 71.16 16.75
C THR C 14 19.67 72.51 16.45
N ILE C 15 18.63 72.53 15.61
CA ILE C 15 18.02 73.79 15.23
C ILE C 15 17.39 74.42 16.49
N MET C 16 16.69 73.60 17.27
CA MET C 16 16.06 74.06 18.50
C MET C 16 17.08 74.68 19.46
N LEU C 17 18.18 73.97 19.71
CA LEU C 17 19.19 74.46 20.68
C LEU C 17 19.85 75.75 20.25
N LEU C 18 20.10 75.92 18.95
CA LEU C 18 20.72 77.16 18.51
C LEU C 18 19.78 78.32 18.88
N LEU C 19 18.47 78.12 18.63
CA LEU C 19 17.49 79.14 18.97
C LEU C 19 17.27 79.30 20.47
N VAL C 20 17.15 78.21 21.20
CA VAL C 20 16.85 78.31 22.63
C VAL C 20 17.95 79.10 23.33
N PHE C 21 19.21 78.83 23.01
CA PHE C 21 20.27 79.61 23.63
C PHE C 21 20.05 81.09 23.32
N ALA C 22 19.84 81.43 22.04
CA ALA C 22 19.63 82.82 21.69
C ALA C 22 18.38 83.39 22.40
N ILE C 23 17.29 82.62 22.56
CA ILE C 23 16.07 83.03 23.27
C ILE C 23 16.30 83.36 24.70
N LEU C 24 16.96 82.42 25.39
CA LEU C 24 17.16 82.64 26.80
C LEU C 24 18.01 83.89 27.01
N LEU C 25 19.05 84.07 26.18
CA LEU C 25 19.88 85.24 26.38
C LEU C 25 19.13 86.49 26.02
N SER C 26 18.34 86.45 24.96
CA SER C 26 17.60 87.60 24.53
C SER C 26 16.59 88.02 25.60
N ALA C 27 15.92 87.03 26.23
CA ALA C 27 14.96 87.33 27.29
C ALA C 27 15.67 88.02 28.47
N ILE C 28 16.88 87.53 28.78
CA ILE C 28 17.68 88.11 29.86
C ILE C 28 18.05 89.54 29.50
N ILE C 29 18.42 89.76 28.23
CA ILE C 29 18.82 91.09 27.79
C ILE C 29 17.62 92.04 27.84
N TRP C 30 16.42 91.63 27.43
CA TRP C 30 15.25 92.51 27.49
C TRP C 30 15.14 93.12 28.92
N TYR C 31 15.22 92.23 29.93
CA TYR C 31 15.17 92.64 31.34
C TYR C 31 16.33 93.59 31.69
N GLN C 32 17.56 93.17 31.34
CA GLN C 32 18.77 93.93 31.66
C GLN C 32 18.80 95.32 31.06
N ILE C 33 18.28 95.47 29.86
CA ILE C 33 18.26 96.80 29.22
C ILE C 33 17.34 97.73 30.02
N THR C 34 16.14 97.23 30.37
CA THR C 34 15.17 98.04 31.13
C THR C 34 15.79 98.42 32.50
N THR C 35 16.39 97.43 33.15
CA THR C 35 16.98 97.54 34.48
C THR C 35 18.18 98.50 34.55
N ASN C 36 19.13 98.35 33.62
CA ASN C 36 20.35 99.13 33.61
C ASN C 36 20.42 100.08 32.38
N PRO C 37 20.03 101.35 32.50
CA PRO C 37 19.90 102.30 31.42
C PRO C 37 21.23 102.88 30.92
N ASP C 38 22.15 102.01 30.48
CA ASP C 38 23.47 102.42 29.99
C ASP C 38 23.74 101.92 28.58
N THR C 39 23.71 102.86 27.63
CA THR C 39 23.86 102.58 26.20
C THR C 39 25.01 101.64 25.88
N SER C 40 26.17 101.80 26.56
CA SER C 40 27.37 101.03 26.24
C SER C 40 27.23 99.55 26.61
N GLN C 41 26.25 99.22 27.44
CA GLN C 41 26.05 97.87 27.87
C GLN C 41 24.89 97.33 27.08
N ILE C 42 23.88 98.18 26.90
CA ILE C 42 22.69 97.80 26.19
C ILE C 42 22.98 97.44 24.79
N ALA C 43 23.69 98.30 24.11
CA ALA C 43 24.05 98.04 22.76
C ALA C 43 24.96 96.85 22.63
N THR C 44 25.86 96.65 23.62
CA THR C 44 26.79 95.53 23.57
C THR C 44 25.96 94.26 23.56
N LEU C 45 24.95 94.21 24.45
CA LEU C 45 24.07 93.06 24.51
C LEU C 45 23.29 92.88 23.21
N LEU C 46 22.79 94.00 22.60
CA LEU C 46 22.05 93.88 21.34
C LEU C 46 22.95 93.32 20.25
N SER C 47 24.23 93.76 20.20
CA SER C 47 25.17 93.26 19.19
C SER C 47 25.37 91.78 19.38
N MET C 48 25.59 91.34 20.63
CA MET C 48 25.77 89.93 20.91
C MET C 48 24.57 89.14 20.48
N GLN C 49 23.37 89.63 20.83
CA GLN C 49 22.15 88.94 20.48
C GLN C 49 22.06 88.76 18.97
N LEU C 50 22.33 89.85 18.25
CA LEU C 50 22.27 89.85 16.80
C LEU C 50 23.26 88.85 16.22
N LEU C 51 24.47 88.82 16.77
CA LEU C 51 25.48 87.87 16.33
C LEU C 51 25.04 86.41 16.54
N LEU C 52 24.46 86.10 17.72
CA LEU C 52 24.04 84.73 17.98
C LEU C 52 23.00 84.32 16.96
N ILE C 53 22.08 85.25 16.62
CA ILE C 53 21.02 85.02 15.64
C ILE C 53 21.61 84.75 14.28
N ALA C 54 22.59 85.57 13.87
CA ALA C 54 23.23 85.40 12.58
C ALA C 54 23.83 84.00 12.45
N LEU C 55 24.55 83.55 13.50
CA LEU C 55 25.18 82.25 13.45
C LEU C 55 24.11 81.20 13.36
N MET C 56 23.12 81.31 14.26
CA MET C 56 22.03 80.37 14.30
C MET C 56 21.43 80.18 12.95
N LEU C 57 21.10 81.27 12.29
CA LEU C 57 20.44 81.15 11.00
C LEU C 57 21.33 80.52 9.94
N VAL C 58 22.61 80.85 9.94
CA VAL C 58 23.47 80.23 8.95
C VAL C 58 23.56 78.72 9.16
N VAL C 59 23.73 78.32 10.42
CA VAL C 59 23.86 76.90 10.70
C VAL C 59 22.61 76.20 10.25
N ILE C 60 21.46 76.81 10.52
CA ILE C 60 20.22 76.21 10.11
C ILE C 60 20.18 76.06 8.61
N ALA C 61 20.57 77.08 7.86
CA ALA C 61 20.58 76.95 6.43
C ALA C 61 21.49 75.77 5.98
N LEU C 62 22.63 75.62 6.63
CA LEU C 62 23.49 74.50 6.28
C LEU C 62 22.76 73.17 6.53
N LEU C 63 21.99 73.09 7.63
CA LEU C 63 21.23 71.87 7.92
C LEU C 63 20.18 71.62 6.86
N LEU C 64 19.52 72.69 6.37
CA LEU C 64 18.49 72.50 5.32
C LEU C 64 19.13 71.91 4.10
N SER C 65 20.35 72.39 3.76
CA SER C 65 21.07 71.90 2.62
C SER C 65 21.37 70.43 2.77
N ARG C 66 21.89 70.05 3.95
CA ARG C 66 22.21 68.67 4.17
C ARG C 66 21.00 67.80 4.08
N GLN C 67 19.89 68.22 4.71
CA GLN C 67 18.72 67.36 4.71
C GLN C 67 18.18 67.21 3.31
N THR C 68 18.25 68.26 2.51
CA THR C 68 17.77 68.18 1.14
C THR C 68 18.56 67.10 0.40
N GLU C 69 19.89 67.15 0.53
CA GLU C 69 20.71 66.16 -0.13
C GLU C 69 20.44 64.74 0.38
N GLN C 70 20.24 64.58 1.70
CA GLN C 70 20.03 63.26 2.27
C GLN C 70 18.78 62.63 1.73
N VAL C 71 17.71 63.42 1.66
CA VAL C 71 16.45 62.92 1.17
C VAL C 71 16.56 62.55 -0.30
N ALA C 72 17.12 63.44 -1.09
CA ALA C 72 17.24 63.22 -2.51
C ALA C 72 18.10 62.00 -2.86
N GLU C 73 19.20 61.80 -2.13
CA GLU C 73 20.08 60.69 -2.42
C GLU C 73 19.38 59.38 -2.09
N SER C 74 18.65 59.34 -0.97
CA SER C 74 17.96 58.12 -0.59
C SER C 74 16.99 57.72 -1.68
N ILE C 75 16.24 58.68 -2.18
CA ILE C 75 15.28 58.37 -3.23
C ILE C 75 16.02 57.89 -4.49
N ARG C 76 17.04 58.63 -4.92
CA ARG C 76 17.78 58.23 -6.12
C ARG C 76 18.21 56.75 -6.04
N ARG C 77 18.79 56.37 -4.90
CA ARG C 77 19.22 55.01 -4.70
C ARG C 77 18.08 54.03 -4.78
N ASP C 78 17.00 54.28 -4.03
CA ASP C 78 15.90 53.32 -4.05
C ASP C 78 15.29 53.15 -5.47
N VAL C 79 15.16 54.26 -6.19
CA VAL C 79 14.58 54.20 -7.54
C VAL C 79 15.49 53.42 -8.46
N SER C 80 16.78 53.73 -8.39
CA SER C 80 17.74 53.10 -9.23
C SER C 80 17.79 51.62 -8.99
N ALA C 81 17.76 51.19 -7.73
CA ALA C 81 17.86 49.75 -7.50
C ALA C 81 16.69 49.02 -8.18
N LEU C 82 15.45 49.56 -8.10
CA LEU C 82 14.35 48.88 -8.79
C LEU C 82 14.57 48.91 -10.27
N ALA C 83 15.05 50.06 -10.79
CA ALA C 83 15.29 50.18 -12.21
C ALA C 83 16.32 49.17 -12.70
N TYR C 84 17.34 48.89 -11.90
CA TYR C 84 18.35 47.93 -12.35
C TYR C 84 17.81 46.55 -12.34
N VAL C 85 16.97 46.21 -11.37
CA VAL C 85 16.40 44.88 -11.42
C VAL C 85 15.53 44.77 -12.68
N MET C 86 14.69 45.79 -12.90
CA MET C 86 13.77 45.78 -14.02
C MET C 86 14.54 45.74 -15.33
N LEU C 87 15.67 46.48 -15.41
CA LEU C 87 16.49 46.48 -16.61
C LEU C 87 17.02 45.12 -16.86
N GLY C 88 17.53 44.48 -15.84
CA GLY C 88 18.02 43.16 -16.00
C GLY C 88 16.96 42.22 -16.50
N LEU C 89 15.75 42.36 -15.98
CA LEU C 89 14.67 41.50 -16.42
C LEU C 89 14.36 41.73 -17.92
N LEU C 90 14.32 43.00 -18.37
CA LEU C 90 14.07 43.26 -19.77
C LEU C 90 15.17 42.71 -20.67
N LEU C 91 16.43 42.87 -20.23
CA LEU C 91 17.54 42.37 -21.03
C LEU C 91 17.44 40.89 -21.11
N SER C 92 17.08 40.24 -19.99
CA SER C 92 16.90 38.81 -19.96
C SER C 92 15.79 38.39 -20.98
N LEU C 93 14.66 39.16 -21.04
CA LEU C 93 13.56 38.84 -21.99
C LEU C 93 14.05 38.84 -23.44
N LEU C 94 15.04 39.72 -23.76
CA LEU C 94 15.62 39.78 -25.12
C LEU C 94 16.82 38.84 -25.26
N ASN C 95 17.05 38.03 -24.24
CA ASN C 95 18.15 37.09 -24.11
C ASN C 95 19.52 37.76 -24.08
N ARG C 96 19.58 38.98 -23.59
CA ARG C 96 20.82 39.68 -23.45
C ARG C 96 21.32 39.34 -22.06
N LEU C 97 21.64 38.08 -21.87
CA LEU C 97 21.97 37.57 -20.55
C LEU C 97 23.23 38.17 -19.92
N SER C 98 24.30 38.41 -20.70
CA SER C 98 25.49 38.95 -20.03
C SER C 98 25.22 40.35 -19.51
N LEU C 99 24.44 41.09 -20.28
CA LEU C 99 24.08 42.45 -19.92
C LEU C 99 23.07 42.42 -18.77
N ALA C 100 22.17 41.41 -18.79
CA ALA C 100 21.20 41.28 -17.71
C ALA C 100 21.93 41.07 -16.38
N ALA C 101 23.00 40.23 -16.43
CA ALA C 101 23.75 39.98 -15.20
C ALA C 101 24.34 41.27 -14.67
N GLU C 102 24.87 42.13 -15.55
CA GLU C 102 25.43 43.37 -15.07
C GLU C 102 24.38 44.23 -14.42
N ALA C 103 23.19 44.28 -15.00
CA ALA C 103 22.13 45.08 -14.40
C ALA C 103 21.79 44.55 -13.00
N TYR C 104 21.73 43.23 -12.84
CA TYR C 104 21.40 42.69 -11.54
C TYR C 104 22.53 43.02 -10.57
N LYS C 105 23.78 42.93 -11.04
CA LYS C 105 24.93 43.24 -10.19
C LYS C 105 24.81 44.67 -9.66
N LYS C 106 24.46 45.62 -10.54
CA LYS C 106 24.31 47.02 -10.09
C LYS C 106 23.24 47.13 -9.00
N ALA C 107 22.09 46.43 -9.18
CA ALA C 107 21.04 46.49 -8.15
C ALA C 107 21.57 45.98 -6.80
N ILE C 108 22.37 44.91 -6.86
CA ILE C 108 22.98 44.31 -5.67
C ILE C 108 23.96 45.29 -5.01
N GLU C 109 24.81 45.94 -5.79
CA GLU C 109 25.72 46.88 -5.16
C GLU C 109 24.94 48.00 -4.46
N LEU C 110 23.86 48.48 -5.09
CA LEU C 110 23.05 49.50 -4.46
C LEU C 110 22.37 48.97 -3.20
N ASP C 111 21.90 47.70 -3.25
CA ASP C 111 21.30 47.07 -2.09
C ASP C 111 21.71 45.57 -2.03
N PRO C 112 22.78 45.22 -1.27
CA PRO C 112 23.33 43.89 -1.11
C PRO C 112 22.36 42.87 -0.56
N ASN C 113 21.20 43.33 -0.01
CA ASN C 113 20.27 42.34 0.53
C ASN C 113 19.02 42.32 -0.36
N ASP C 114 19.24 42.58 -1.63
CA ASP C 114 18.17 42.46 -2.57
C ASP C 114 18.14 41.03 -3.07
N ALA C 115 17.38 40.19 -2.33
CA ALA C 115 17.35 38.76 -2.64
C ALA C 115 16.86 38.52 -4.04
N LEU C 116 15.93 39.36 -4.52
CA LEU C 116 15.43 39.18 -5.87
C LEU C 116 16.55 39.37 -6.85
N ALA C 117 17.30 40.44 -6.72
CA ALA C 117 18.39 40.64 -7.67
C ALA C 117 19.38 39.48 -7.60
N TRP C 118 19.64 38.96 -6.39
CA TRP C 118 20.57 37.84 -6.25
C TRP C 118 20.06 36.60 -6.92
N LEU C 119 18.76 36.31 -6.72
CA LEU C 119 18.15 35.14 -7.31
C LEU C 119 18.26 35.20 -8.82
N LEU C 120 17.85 36.38 -9.37
CA LEU C 120 17.83 36.58 -10.82
C LEU C 120 19.22 36.51 -11.39
N LEU C 121 20.19 37.04 -10.66
CA LEU C 121 21.57 36.96 -11.12
C LEU C 121 21.92 35.51 -11.25
N GLY C 122 21.57 34.73 -10.23
CA GLY C 122 21.81 33.29 -10.21
C GLY C 122 21.28 32.65 -11.50
N SER C 123 20.01 32.94 -11.84
CA SER C 123 19.38 32.38 -13.06
C SER C 123 20.13 32.74 -14.32
N VAL C 124 20.51 34.00 -14.44
CA VAL C 124 21.24 34.42 -15.63
C VAL C 124 22.58 33.69 -15.69
N LEU C 125 23.28 33.62 -14.58
CA LEU C 125 24.57 32.99 -14.57
C LEU C 125 24.45 31.52 -14.98
N GLU C 126 23.42 30.81 -14.50
CA GLU C 126 23.25 29.43 -14.95
C GLU C 126 23.06 29.38 -16.46
N LYS C 127 22.19 30.24 -16.99
CA LYS C 127 21.93 30.24 -18.44
C LYS C 127 23.19 30.52 -19.24
N LEU C 128 24.06 31.34 -18.70
CA LEU C 128 25.33 31.69 -19.29
C LEU C 128 26.42 30.63 -19.04
N LYS C 129 26.05 29.54 -18.36
CA LYS C 129 26.91 28.42 -17.97
C LYS C 129 27.96 28.80 -16.91
N ARG C 130 27.73 29.92 -16.19
CA ARG C 130 28.61 30.32 -15.09
C ARG C 130 28.04 29.66 -13.83
N LEU C 131 28.14 28.35 -13.81
CA LEU C 131 27.53 27.50 -12.78
C LEU C 131 28.05 27.69 -11.36
N ASP C 132 29.32 27.96 -11.20
CA ASP C 132 29.84 28.09 -9.84
C ASP C 132 29.36 29.40 -9.27
N GLU C 133 29.46 30.42 -10.07
CA GLU C 133 29.00 31.74 -9.67
C GLU C 133 27.48 31.69 -9.43
N ALA C 134 26.75 30.92 -10.26
CA ALA C 134 25.31 30.81 -10.09
C ALA C 134 24.98 30.21 -8.74
N ALA C 135 25.70 29.14 -8.37
CA ALA C 135 25.44 28.50 -7.08
C ALA C 135 25.65 29.47 -5.92
N GLU C 136 26.70 30.28 -6.02
CA GLU C 136 26.96 31.23 -4.95
C GLU C 136 25.84 32.28 -4.89
N ALA C 137 25.41 32.77 -6.05
CA ALA C 137 24.35 33.76 -6.06
C ALA C 137 23.05 33.19 -5.46
N TYR C 138 22.74 31.92 -5.78
CA TYR C 138 21.53 31.31 -5.21
C TYR C 138 21.71 31.15 -3.71
N LYS C 139 22.90 30.72 -3.28
CA LYS C 139 23.13 30.55 -1.85
C LYS C 139 22.83 31.88 -1.13
N LYS C 140 23.30 33.01 -1.69
CA LYS C 140 23.03 34.31 -1.05
C LYS C 140 21.53 34.62 -1.02
N ALA C 141 20.83 34.37 -2.13
CA ALA C 141 19.40 34.67 -2.14
C ALA C 141 18.66 33.87 -1.07
N ILE C 142 19.06 32.61 -0.92
CA ILE C 142 18.47 31.69 0.06
C ILE C 142 18.78 32.16 1.49
N GLU C 143 20.02 32.53 1.77
CA GLU C 143 20.30 33.00 3.14
C GLU C 143 19.43 34.21 3.47
N LEU C 144 19.24 35.10 2.50
CA LEU C 144 18.39 36.26 2.71
C LEU C 144 16.91 35.84 2.88
N LYS C 145 16.45 34.85 2.08
CA LYS C 145 15.06 34.33 2.19
C LYS C 145 15.04 32.78 2.26
N PRO C 146 15.20 32.17 3.48
CA PRO C 146 15.29 30.73 3.74
C PRO C 146 14.09 29.96 3.31
N ASN C 147 12.98 30.65 3.10
CA ASN C 147 11.78 29.95 2.69
C ASN C 147 11.39 30.34 1.25
N ASP C 148 12.41 30.54 0.42
CA ASP C 148 12.18 30.76 -0.99
C ASP C 148 12.32 29.41 -1.70
N ALA C 149 11.20 28.70 -1.82
CA ALA C 149 11.23 27.34 -2.39
C ALA C 149 11.79 27.35 -3.79
N SER C 150 11.48 28.41 -4.54
CA SER C 150 11.98 28.47 -5.91
C SER C 150 13.51 28.57 -5.90
N ALA C 151 14.05 29.45 -5.04
CA ALA C 151 15.52 29.59 -5.01
C ALA C 151 16.17 28.25 -4.65
N TRP C 152 15.56 27.50 -3.71
CA TRP C 152 16.13 26.20 -3.32
C TRP C 152 16.15 25.22 -4.49
N LYS C 153 15.03 25.15 -5.25
CA LYS C 153 14.94 24.27 -6.42
C LYS C 153 15.98 24.64 -7.47
N GLU C 154 16.12 25.95 -7.74
CA GLU C 154 17.06 26.44 -8.74
C GLU C 154 18.49 26.14 -8.31
N LEU C 155 18.79 26.27 -7.00
CA LEU C 155 20.11 25.92 -6.49
C LEU C 155 20.36 24.48 -6.78
N GLY C 156 19.36 23.63 -6.53
CA GLY C 156 19.44 22.21 -6.80
C GLY C 156 19.91 21.98 -8.21
N LYS C 157 19.24 22.62 -9.18
CA LYS C 157 19.62 22.44 -10.60
C LYS C 157 21.08 22.83 -10.86
N VAL C 158 21.52 23.95 -10.26
CA VAL C 158 22.91 24.34 -10.47
C VAL C 158 23.86 23.33 -9.87
N LEU C 159 23.57 22.89 -8.65
CA LEU C 159 24.45 21.96 -7.98
C LEU C 159 24.56 20.64 -8.77
N GLU C 160 23.43 20.14 -9.32
CA GLU C 160 23.50 18.91 -10.12
C GLU C 160 24.40 19.12 -11.31
N LYS C 161 24.24 20.25 -11.99
CA LYS C 161 25.07 20.54 -13.14
C LYS C 161 26.55 20.60 -12.78
N LEU C 162 26.85 21.02 -11.56
CA LEU C 162 28.21 21.08 -11.06
C LEU C 162 28.73 19.70 -10.60
N GLY C 163 27.89 18.65 -10.69
CA GLY C 163 28.26 17.29 -10.26
C GLY C 163 28.01 17.06 -8.77
N ARG C 164 27.45 18.07 -8.11
CA ARG C 164 27.22 17.99 -6.67
C ARG C 164 25.86 17.35 -6.37
N LEU C 165 25.77 16.07 -6.68
CA LEU C 165 24.52 15.32 -6.56
C LEU C 165 23.99 15.24 -5.12
N ASP C 166 24.85 15.17 -4.14
CA ASP C 166 24.33 15.04 -2.79
C ASP C 166 23.75 16.36 -2.35
N GLU C 167 24.51 17.42 -2.56
CA GLU C 167 24.04 18.74 -2.19
C GLU C 167 22.79 19.09 -3.02
N ALA C 168 22.75 18.66 -4.30
CA ALA C 168 21.59 18.95 -5.14
C ALA C 168 20.34 18.30 -4.56
N ALA C 169 20.47 17.02 -4.12
CA ALA C 169 19.32 16.33 -3.55
C ALA C 169 18.82 17.06 -2.31
N GLU C 170 19.74 17.57 -1.49
CA GLU C 170 19.32 18.29 -0.29
C GLU C 170 18.57 19.58 -0.67
N ALA C 171 19.08 20.33 -1.64
CA ALA C 171 18.41 21.56 -2.03
C ALA C 171 17.01 21.28 -2.56
N TYR C 172 16.86 20.20 -3.33
CA TYR C 172 15.53 19.85 -3.84
C TYR C 172 14.61 19.45 -2.71
N LYS C 173 15.14 18.68 -1.74
CA LYS C 173 14.33 18.26 -0.61
C LYS C 173 13.78 19.49 0.12
N LYS C 174 14.64 20.51 0.34
CA LYS C 174 14.13 21.71 1.04
C LYS C 174 13.01 22.38 0.24
N ALA C 175 13.15 22.47 -1.11
CA ALA C 175 12.08 23.10 -1.92
C ALA C 175 10.77 22.35 -1.74
N ILE C 176 10.85 21.02 -1.68
CA ILE C 176 9.72 20.15 -1.49
C ILE C 176 9.09 20.34 -0.12
N GLU C 177 9.89 20.42 0.93
CA GLU C 177 9.28 20.62 2.25
C GLU C 177 8.50 21.93 2.27
N LEU C 178 9.06 22.96 1.66
CA LEU C 178 8.41 24.25 1.60
C LEU C 178 7.12 24.18 0.77
N ASP C 179 7.14 23.45 -0.34
CA ASP C 179 5.93 23.26 -1.14
C ASP C 179 5.87 21.82 -1.70
N PRO C 180 5.23 20.87 -0.95
CA PRO C 180 5.10 19.44 -1.23
C PRO C 180 4.40 19.11 -2.55
N GLU C 181 3.66 20.06 -3.13
CA GLU C 181 2.94 19.75 -4.37
C GLU C 181 3.77 20.03 -5.61
N ASP C 182 5.00 20.50 -5.42
CA ASP C 182 5.78 20.85 -6.57
C ASP C 182 6.31 19.62 -7.26
N ALA C 183 5.51 19.13 -8.20
CA ALA C 183 5.79 17.92 -8.93
C ALA C 183 7.12 18.04 -9.67
N GLU C 184 7.43 19.24 -10.18
CA GLU C 184 8.70 19.41 -10.88
C GLU C 184 9.85 19.11 -9.91
N ALA C 185 9.79 19.72 -8.70
CA ALA C 185 10.86 19.50 -7.73
C ALA C 185 10.98 18.04 -7.40
N TRP C 186 9.86 17.36 -7.28
CA TRP C 186 9.89 15.94 -6.98
C TRP C 186 10.57 15.14 -8.09
N LYS C 187 10.21 15.44 -9.34
CA LYS C 187 10.79 14.72 -10.44
C LYS C 187 12.28 14.97 -10.52
N GLU C 188 12.69 16.24 -10.34
CA GLU C 188 14.12 16.57 -10.44
C GLU C 188 14.88 15.95 -9.27
N LEU C 189 14.26 15.87 -8.07
CA LEU C 189 14.87 15.21 -6.94
C LEU C 189 15.12 13.77 -7.34
N GLY C 190 14.09 13.15 -7.93
CA GLY C 190 14.16 11.78 -8.40
C GLY C 190 15.36 11.60 -9.32
N LYS C 191 15.49 12.45 -10.33
CA LYS C 191 16.62 12.31 -11.25
C LYS C 191 17.97 12.33 -10.51
N VAL C 192 18.12 13.25 -9.54
CA VAL C 192 19.39 13.30 -8.80
C VAL C 192 19.59 12.02 -8.00
N LEU C 193 18.55 11.59 -7.28
CA LEU C 193 18.66 10.39 -6.45
C LEU C 193 18.99 9.16 -7.27
N GLU C 194 18.40 9.05 -8.46
CA GLU C 194 18.70 7.90 -9.30
C GLU C 194 20.15 7.95 -9.71
N LYS C 195 20.62 9.13 -10.17
CA LYS C 195 22.00 9.28 -10.61
C LYS C 195 22.97 8.98 -9.51
N LEU C 196 22.56 9.35 -8.30
CA LEU C 196 23.30 9.20 -7.08
C LEU C 196 23.28 7.76 -6.54
N GLY C 197 22.48 6.84 -7.16
CA GLY C 197 22.38 5.44 -6.70
C GLY C 197 21.30 5.23 -5.60
N ARG C 198 20.60 6.29 -5.26
CA ARG C 198 19.58 6.23 -4.22
C ARG C 198 18.28 5.84 -4.87
N LEU C 199 18.26 4.61 -5.34
CA LEU C 199 17.17 4.08 -6.15
C LEU C 199 15.82 4.00 -5.44
N ASP C 200 15.79 3.70 -4.13
CA ASP C 200 14.46 3.57 -3.50
C ASP C 200 13.87 4.96 -3.34
N GLU C 201 14.71 5.89 -2.91
CA GLU C 201 14.26 7.24 -2.74
C GLU C 201 13.89 7.83 -4.10
N ALA C 202 14.68 7.46 -5.15
CA ALA C 202 14.41 8.00 -6.48
C ALA C 202 13.04 7.56 -6.93
N ALA C 203 12.70 6.27 -6.69
CA ALA C 203 11.40 5.75 -7.09
C ALA C 203 10.29 6.50 -6.41
N GLU C 204 10.46 6.80 -5.11
CA GLU C 204 9.41 7.51 -4.42
C GLU C 204 9.27 8.93 -4.98
N ALA C 205 10.40 9.59 -5.26
CA ALA C 205 10.32 10.94 -5.79
C ALA C 205 9.61 10.98 -7.16
N TYR C 206 9.91 9.98 -8.02
CA TYR C 206 9.28 9.90 -9.35
C TYR C 206 7.79 9.69 -9.19
N LYS C 207 7.42 8.81 -8.26
CA LYS C 207 6.03 8.54 -8.02
C LYS C 207 5.31 9.77 -7.57
N LYS C 208 5.92 10.55 -6.65
CA LYS C 208 5.21 11.73 -6.19
C LYS C 208 4.95 12.69 -7.34
N ALA C 209 5.92 12.89 -8.24
CA ALA C 209 5.60 13.82 -9.33
C ALA C 209 4.37 13.35 -10.13
N ILE C 210 4.28 12.05 -10.38
CA ILE C 210 3.15 11.49 -11.11
C ILE C 210 1.80 11.55 -10.32
N GLU C 211 1.85 11.12 -9.07
CA GLU C 211 0.69 11.05 -8.18
C GLU C 211 0.11 12.41 -7.72
N LEU C 212 0.99 13.41 -7.45
CA LEU C 212 0.55 14.72 -6.93
C LEU C 212 -0.37 15.45 -7.86
N ASP C 213 -0.10 15.38 -9.13
CA ASP C 213 -0.97 16.03 -10.07
C ASP C 213 -1.09 15.12 -11.28
N PRO C 214 -2.18 14.33 -11.37
CA PRO C 214 -2.47 13.37 -12.43
C PRO C 214 -2.52 14.02 -13.82
N ASN C 215 -2.47 15.38 -13.89
CA ASN C 215 -2.46 16.01 -15.19
C ASN C 215 -1.13 16.80 -15.29
N ASP C 216 -0.03 16.10 -14.96
CA ASP C 216 1.33 16.61 -15.13
C ASP C 216 2.02 15.78 -16.22
N SER D 2 -5.87 -48.64 -60.58
CA SER D 2 -6.62 -47.60 -59.88
C SER D 2 -5.68 -46.46 -59.49
N LYS D 3 -4.43 -46.57 -59.97
CA LYS D 3 -3.40 -45.55 -59.71
C LYS D 3 -3.88 -44.16 -60.20
N ASP D 4 -4.59 -44.12 -61.33
CA ASP D 4 -5.08 -42.81 -61.80
C ASP D 4 -5.98 -42.12 -60.76
N THR D 5 -6.76 -42.89 -59.98
CA THR D 5 -7.64 -42.31 -58.96
C THR D 5 -6.75 -41.70 -57.86
N GLU D 6 -5.75 -42.46 -57.44
CA GLU D 6 -4.82 -41.97 -56.41
C GLU D 6 -4.13 -40.67 -56.86
N ASP D 7 -3.60 -40.67 -58.09
CA ASP D 7 -2.91 -39.48 -58.60
C ASP D 7 -3.88 -38.29 -58.72
N SER D 8 -5.13 -38.54 -59.15
CA SER D 8 -6.13 -37.47 -59.28
C SER D 8 -6.38 -36.82 -57.93
N ARG D 9 -6.54 -37.65 -56.89
CA ARG D 9 -6.77 -37.10 -55.55
C ARG D 9 -5.60 -36.23 -55.07
N LYS D 10 -4.36 -36.66 -55.33
CA LYS D 10 -3.19 -35.86 -54.93
C LYS D 10 -3.16 -34.49 -55.66
N ILE D 11 -3.53 -34.50 -56.95
CA ILE D 11 -3.57 -33.26 -57.75
C ILE D 11 -4.66 -32.33 -57.20
N TRP D 12 -5.85 -32.86 -56.96
CA TRP D 12 -6.95 -32.04 -56.45
C TRP D 12 -6.62 -31.47 -55.08
N ARG D 13 -6.04 -32.27 -54.20
CA ARG D 13 -5.66 -31.81 -52.88
C ARG D 13 -4.65 -30.66 -52.98
N THR D 14 -3.65 -30.81 -53.88
CA THR D 14 -2.64 -29.76 -54.08
C THR D 14 -3.31 -28.45 -54.52
N ILE D 15 -4.23 -28.54 -55.50
CA ILE D 15 -4.90 -27.34 -56.01
C ILE D 15 -5.66 -26.64 -54.88
N MET D 16 -6.42 -27.45 -54.12
CA MET D 16 -7.20 -26.94 -53.01
C MET D 16 -6.35 -26.25 -51.98
N LEU D 17 -5.27 -26.88 -51.54
CA LEU D 17 -4.43 -26.31 -50.51
C LEU D 17 -3.73 -25.02 -50.93
N LEU D 18 -3.29 -24.94 -52.19
CA LEU D 18 -2.62 -23.69 -52.61
C LEU D 18 -3.66 -22.55 -52.43
N LEU D 19 -4.90 -22.86 -52.83
CA LEU D 19 -5.97 -21.87 -52.74
C LEU D 19 -6.41 -21.54 -51.31
N VAL D 20 -6.68 -22.56 -50.49
CA VAL D 20 -7.18 -22.33 -49.14
C VAL D 20 -6.19 -21.45 -48.38
N PHE D 21 -4.88 -21.73 -48.53
CA PHE D 21 -3.88 -20.93 -47.86
C PHE D 21 -4.03 -19.43 -48.26
N ALA D 22 -4.11 -19.16 -49.59
CA ALA D 22 -4.23 -17.75 -50.06
C ALA D 22 -5.48 -17.03 -49.47
N ILE D 23 -6.60 -17.77 -49.29
CA ILE D 23 -7.85 -17.22 -48.71
C ILE D 23 -7.75 -16.93 -47.23
N LEU D 24 -7.25 -17.88 -46.46
CA LEU D 24 -7.18 -17.61 -45.03
C LEU D 24 -6.28 -16.40 -44.80
N LEU D 25 -5.16 -16.37 -45.52
CA LEU D 25 -4.27 -15.24 -45.30
C LEU D 25 -4.87 -13.95 -45.76
N SER D 26 -5.52 -13.91 -46.92
CA SER D 26 -6.07 -12.66 -47.40
C SER D 26 -7.15 -12.11 -46.47
N ALA D 27 -8.00 -12.98 -45.93
CA ALA D 27 -9.04 -12.48 -45.04
C ALA D 27 -8.37 -11.80 -43.81
N ILE D 28 -7.28 -12.41 -43.29
CA ILE D 28 -6.46 -11.86 -42.22
C ILE D 28 -5.90 -10.49 -42.63
N ILE D 29 -5.35 -10.43 -43.84
CA ILE D 29 -4.72 -9.22 -44.35
C ILE D 29 -5.77 -8.09 -44.43
N TRP D 30 -6.95 -8.38 -44.99
CA TRP D 30 -7.98 -7.32 -45.13
C TRP D 30 -8.14 -6.64 -43.74
N TYR D 31 -8.31 -7.46 -42.69
CA TYR D 31 -8.44 -6.90 -41.35
C TYR D 31 -7.22 -6.06 -40.92
N GLN D 32 -6.04 -6.63 -41.07
CA GLN D 32 -4.81 -6.00 -40.62
C GLN D 32 -4.49 -4.66 -41.27
N ILE D 33 -4.84 -4.52 -42.56
CA ILE D 33 -4.54 -3.30 -43.31
C ILE D 33 -5.42 -2.16 -42.76
N THR D 34 -6.72 -2.45 -42.57
CA THR D 34 -7.66 -1.45 -42.00
C THR D 34 -7.17 -1.01 -40.60
N THR D 35 -6.76 -1.99 -39.82
CA THR D 35 -6.33 -1.76 -38.44
C THR D 35 -5.03 -0.93 -38.29
N ASN D 36 -3.98 -1.29 -39.01
CA ASN D 36 -2.69 -0.61 -38.88
C ASN D 36 -2.33 0.24 -40.12
N PRO D 37 -2.48 1.60 -40.14
CA PRO D 37 -2.19 2.55 -41.19
C PRO D 37 -0.76 2.83 -41.60
N ASP D 38 0.08 1.89 -41.97
CA ASP D 38 1.53 2.02 -42.11
C ASP D 38 1.87 1.34 -43.42
N THR D 39 2.37 2.14 -44.41
CA THR D 39 2.28 1.52 -45.75
C THR D 39 3.46 0.54 -45.89
N SER D 40 4.30 0.47 -44.84
CA SER D 40 5.48 -0.34 -44.70
C SER D 40 5.12 -1.74 -44.34
N GLN D 41 3.98 -1.91 -43.66
CA GLN D 41 3.56 -3.15 -43.13
C GLN D 41 2.53 -3.63 -44.13
N ILE D 42 1.80 -2.63 -44.62
CA ILE D 42 0.70 -3.00 -45.46
C ILE D 42 1.03 -3.68 -46.77
N ALA D 43 1.92 -3.02 -47.51
CA ALA D 43 2.28 -3.37 -48.86
C ALA D 43 3.27 -4.55 -48.73
N THR D 44 3.70 -4.90 -47.53
CA THR D 44 4.58 -6.02 -47.30
C THR D 44 3.72 -7.27 -47.48
N LEU D 45 2.58 -7.23 -46.78
CA LEU D 45 1.57 -8.28 -46.80
C LEU D 45 1.00 -8.45 -48.22
N LEU D 46 0.79 -7.33 -48.94
CA LEU D 46 0.25 -7.48 -50.31
C LEU D 46 1.23 -8.16 -51.23
N SER D 47 2.53 -7.81 -51.13
CA SER D 47 3.49 -8.45 -52.02
C SER D 47 3.56 -9.93 -51.73
N MET D 48 3.41 -10.30 -50.43
CA MET D 48 3.41 -11.70 -50.06
C MET D 48 2.21 -12.40 -50.72
N GLN D 49 1.01 -11.79 -50.67
CA GLN D 49 -0.16 -12.41 -51.26
C GLN D 49 0.02 -12.58 -52.76
N LEU D 50 0.58 -11.51 -53.37
CA LEU D 50 0.79 -11.63 -54.80
C LEU D 50 1.72 -12.74 -55.17
N LEU D 51 2.73 -12.94 -54.36
CA LEU D 51 3.62 -14.04 -54.56
C LEU D 51 2.88 -15.36 -54.41
N LEU D 52 2.08 -15.49 -53.33
CA LEU D 52 1.44 -16.77 -53.18
C LEU D 52 0.60 -17.12 -54.41
N ILE D 53 -0.07 -16.08 -54.99
CA ILE D 53 -0.87 -16.27 -56.21
C ILE D 53 0.05 -16.70 -57.34
N ALA D 54 1.19 -16.03 -57.46
CA ALA D 54 2.17 -16.31 -58.49
C ALA D 54 2.44 -17.77 -58.60
N LEU D 55 2.83 -18.34 -57.47
CA LEU D 55 3.22 -19.71 -57.31
C LEU D 55 2.05 -20.65 -57.51
N MET D 56 0.95 -20.36 -56.76
CA MET D 56 -0.24 -21.19 -56.86
C MET D 56 -0.59 -21.42 -58.30
N LEU D 57 -0.64 -20.35 -59.10
CA LEU D 57 -0.99 -20.55 -60.48
C LEU D 57 -0.04 -21.35 -61.29
N VAL D 58 1.26 -21.10 -61.11
CA VAL D 58 2.18 -21.84 -61.95
C VAL D 58 2.08 -23.31 -61.70
N VAL D 59 2.01 -23.68 -60.39
CA VAL D 59 1.92 -25.06 -60.03
C VAL D 59 0.69 -25.69 -60.65
N ILE D 60 -0.46 -24.97 -60.58
CA ILE D 60 -1.70 -25.44 -61.19
C ILE D 60 -1.54 -25.69 -62.68
N ALA D 61 -0.95 -24.72 -63.39
CA ALA D 61 -0.76 -24.92 -64.80
C ALA D 61 0.10 -26.14 -65.08
N LEU D 62 1.13 -26.35 -64.24
CA LEU D 62 1.95 -27.52 -64.45
C LEU D 62 1.08 -28.78 -64.31
N LEU D 63 0.18 -28.78 -63.30
CA LEU D 63 -0.73 -29.91 -63.11
C LEU D 63 -1.66 -30.09 -64.31
N LEU D 64 -2.14 -28.99 -64.92
CA LEU D 64 -3.03 -29.10 -66.10
C LEU D 64 -2.30 -29.76 -67.25
N SER D 65 -1.03 -29.39 -67.41
CA SER D 65 -0.21 -29.96 -68.49
C SER D 65 -0.07 -31.47 -68.25
N ARG D 66 0.27 -31.85 -67.01
CA ARG D 66 0.44 -33.26 -66.68
C ARG D 66 -0.85 -34.04 -66.88
N GLN D 67 -1.97 -33.50 -66.41
CA GLN D 67 -3.20 -34.24 -66.54
C GLN D 67 -3.57 -34.41 -68.01
N THR D 68 -3.32 -33.38 -68.82
CA THR D 68 -3.66 -33.47 -70.24
C THR D 68 -2.89 -34.62 -70.86
N GLU D 69 -1.57 -34.69 -70.61
CA GLU D 69 -0.77 -35.76 -71.16
C GLU D 69 -1.22 -37.14 -70.67
N GLN D 70 -1.54 -37.26 -69.38
CA GLN D 70 -1.93 -38.57 -68.83
C GLN D 70 -3.20 -39.10 -69.46
N VAL D 71 -4.18 -38.21 -69.64
CA VAL D 71 -5.42 -38.63 -70.24
C VAL D 71 -5.22 -39.02 -71.68
N ALA D 72 -4.52 -38.17 -72.44
CA ALA D 72 -4.27 -38.41 -73.84
C ALA D 72 -3.48 -39.69 -74.10
N GLU D 73 -2.45 -39.97 -73.25
CA GLU D 73 -1.64 -41.17 -73.43
C GLU D 73 -2.46 -42.42 -73.16
N SER D 74 -3.31 -42.37 -72.12
CA SER D 74 -4.14 -43.52 -71.80
C SER D 74 -5.01 -43.86 -72.98
N ILE D 75 -5.62 -42.83 -73.58
CA ILE D 75 -6.47 -43.08 -74.71
C ILE D 75 -5.65 -43.64 -75.86
N ARG D 76 -4.51 -43.01 -76.17
CA ARG D 76 -3.67 -43.49 -77.26
C ARG D 76 -3.38 -45.01 -77.10
N ARG D 77 -2.99 -45.42 -75.86
CA ARG D 77 -2.70 -46.83 -75.58
C ARG D 77 -3.92 -47.71 -75.81
N ASP D 78 -5.08 -47.36 -75.21
CA ASP D 78 -6.27 -48.19 -75.37
C ASP D 78 -6.71 -48.33 -76.83
N VAL D 79 -6.64 -47.22 -77.57
CA VAL D 79 -7.07 -47.26 -78.96
C VAL D 79 -6.13 -48.16 -79.75
N SER D 80 -4.82 -47.97 -79.54
CA SER D 80 -3.83 -48.73 -80.25
C SER D 80 -3.97 -50.21 -79.95
N ALA D 81 -4.18 -50.57 -78.68
CA ALA D 81 -4.29 -52.00 -78.37
C ALA D 81 -5.48 -52.63 -79.13
N LEU D 82 -6.62 -51.95 -79.20
CA LEU D 82 -7.72 -52.54 -79.97
C LEU D 82 -7.35 -52.62 -81.43
N ALA D 83 -6.68 -51.58 -81.95
CA ALA D 83 -6.27 -51.57 -83.35
C ALA D 83 -5.33 -52.73 -83.66
N TYR D 84 -4.42 -53.06 -82.74
CA TYR D 84 -3.51 -54.15 -83.00
C TYR D 84 -4.21 -55.47 -83.00
N VAL D 85 -5.22 -55.66 -82.13
CA VAL D 85 -5.94 -56.94 -82.20
C VAL D 85 -6.64 -57.04 -83.56
N MET D 86 -7.30 -55.95 -83.96
CA MET D 86 -8.01 -55.93 -85.23
C MET D 86 -7.05 -56.14 -86.38
N LEU D 87 -5.87 -55.52 -86.30
CA LEU D 87 -4.86 -55.67 -87.31
C LEU D 87 -4.44 -57.09 -87.40
N GLY D 88 -4.22 -57.73 -86.26
CA GLY D 88 -3.84 -59.11 -86.25
C GLY D 88 -4.90 -59.98 -86.92
N LEU D 89 -6.20 -59.70 -86.65
CA LEU D 89 -7.29 -60.48 -87.28
C LEU D 89 -7.26 -60.33 -88.81
N LEU D 90 -7.03 -59.10 -89.32
CA LEU D 90 -6.95 -58.90 -90.77
C LEU D 90 -5.79 -59.63 -91.40
N LEU D 91 -4.65 -59.55 -90.75
CA LEU D 91 -3.49 -60.22 -91.28
C LEU D 91 -3.71 -61.71 -91.28
N SER D 92 -4.31 -62.23 -90.21
CA SER D 92 -4.61 -63.65 -90.09
C SER D 92 -5.53 -64.09 -91.24
N LEU D 93 -6.59 -63.28 -91.53
CA LEU D 93 -7.55 -63.57 -92.59
C LEU D 93 -6.86 -63.73 -93.99
N LEU D 94 -5.82 -62.93 -94.23
CA LEU D 94 -5.03 -62.99 -95.48
C LEU D 94 -3.93 -64.05 -95.41
N ASN D 95 -3.94 -64.79 -94.32
CA ASN D 95 -3.01 -65.83 -93.95
C ASN D 95 -1.62 -65.30 -93.72
N ARG D 96 -1.53 -64.04 -93.27
CA ARG D 96 -0.25 -63.45 -92.92
C ARG D 96 -0.08 -63.74 -91.46
N LEU D 97 0.06 -65.01 -91.17
CA LEU D 97 0.08 -65.49 -89.82
C LEU D 97 1.25 -65.01 -89.00
N SER D 98 2.42 -64.93 -89.57
CA SER D 98 3.51 -64.49 -88.73
C SER D 98 3.33 -63.04 -88.32
N LEU D 99 2.78 -62.25 -89.27
CA LEU D 99 2.54 -60.82 -89.03
C LEU D 99 1.36 -60.68 -88.07
N ALA D 100 0.35 -61.57 -88.20
CA ALA D 100 -0.80 -61.51 -87.30
C ALA D 100 -0.33 -61.75 -85.87
N ALA D 101 0.60 -62.72 -85.69
CA ALA D 101 1.11 -63.01 -84.36
C ALA D 101 1.77 -61.77 -83.76
N GLU D 102 2.54 -61.04 -84.58
CA GLU D 102 3.19 -59.84 -84.04
C GLU D 102 2.16 -58.81 -83.59
N ALA D 103 1.09 -58.64 -84.39
CA ALA D 103 0.07 -57.67 -84.00
C ALA D 103 -0.61 -58.08 -82.67
N TYR D 104 -0.88 -59.38 -82.49
CA TYR D 104 -1.53 -59.80 -81.26
C TYR D 104 -0.60 -59.58 -80.08
N LYS D 105 0.70 -59.87 -80.27
CA LYS D 105 1.68 -59.67 -79.21
C LYS D 105 1.66 -58.21 -78.78
N LYS D 106 1.67 -57.27 -79.75
CA LYS D 106 1.65 -55.84 -79.41
C LYS D 106 0.42 -55.49 -78.61
N ALA D 107 -0.73 -56.03 -79.00
CA ALA D 107 -1.94 -55.73 -78.24
C ALA D 107 -1.80 -56.21 -76.79
N ILE D 108 -1.20 -57.39 -76.60
CA ILE D 108 -0.96 -57.95 -75.27
C ILE D 108 0.00 -57.05 -74.47
N GLU D 109 1.09 -56.61 -75.09
CA GLU D 109 2.01 -55.74 -74.35
C GLU D 109 1.28 -54.46 -73.92
N LEU D 110 0.45 -53.89 -74.81
CA LEU D 110 -0.29 -52.70 -74.47
C LEU D 110 -1.29 -52.99 -73.34
N ASP D 111 -1.92 -54.17 -73.40
CA ASP D 111 -2.85 -54.58 -72.34
C ASP D 111 -2.69 -56.11 -72.06
N PRO D 112 -1.87 -56.50 -71.03
CA PRO D 112 -1.56 -57.87 -70.62
C PRO D 112 -2.76 -58.69 -70.21
N ASN D 113 -3.89 -58.05 -69.99
CA ASN D 113 -5.04 -58.86 -69.60
C ASN D 113 -6.06 -58.84 -70.72
N ASP D 114 -5.55 -58.76 -71.93
CA ASP D 114 -6.38 -58.85 -73.09
C ASP D 114 -6.50 -60.34 -73.46
N ALA D 115 -7.50 -61.01 -72.84
CA ALA D 115 -7.67 -62.46 -73.04
C ALA D 115 -7.92 -62.76 -74.49
N LEU D 116 -8.62 -61.88 -75.19
CA LEU D 116 -8.89 -62.10 -76.59
C LEU D 116 -7.60 -62.13 -77.36
N ALA D 117 -6.76 -61.15 -77.16
CA ALA D 117 -5.51 -61.14 -77.89
C ALA D 117 -4.68 -62.40 -77.58
N TRP D 118 -4.70 -62.86 -76.30
CA TRP D 118 -3.93 -64.08 -75.94
C TRP D 118 -4.47 -65.31 -76.65
N LEU D 119 -5.80 -65.44 -76.67
CA LEU D 119 -6.43 -66.58 -77.30
C LEU D 119 -6.07 -66.62 -78.77
N LEU D 120 -6.23 -65.47 -79.43
CA LEU D 120 -6.00 -65.38 -80.86
C LEU D 120 -4.55 -65.62 -81.16
N LEU D 121 -3.65 -65.13 -80.31
CA LEU D 121 -2.25 -65.39 -80.52
C LEU D 121 -2.03 -66.87 -80.51
N GLY D 122 -2.64 -67.55 -79.51
CA GLY D 122 -2.56 -69.01 -79.37
C GLY D 122 -2.95 -69.69 -80.66
N SER D 123 -4.12 -69.30 -81.22
CA SER D 123 -4.61 -69.89 -82.48
C SER D 123 -3.62 -69.72 -83.64
N VAL D 124 -3.07 -68.52 -83.79
CA VAL D 124 -2.09 -68.30 -84.87
C VAL D 124 -0.85 -69.15 -84.64
N LEU D 125 -0.35 -69.20 -83.41
CA LEU D 125 0.84 -69.98 -83.14
C LEU D 125 0.60 -71.45 -83.46
N GLU D 126 -0.60 -71.97 -83.13
CA GLU D 126 -0.90 -73.35 -83.50
C GLU D 126 -0.88 -73.50 -85.04
N LYS D 127 -1.51 -72.56 -85.75
CA LYS D 127 -1.56 -72.63 -87.22
C LYS D 127 -0.15 -72.63 -87.84
N LEU D 128 0.78 -71.89 -87.18
CA LEU D 128 2.19 -71.81 -87.58
C LEU D 128 3.02 -73.00 -87.09
N LYS D 129 2.38 -73.94 -86.42
CA LYS D 129 2.95 -75.14 -85.83
C LYS D 129 3.86 -74.84 -84.60
N ARG D 130 3.71 -73.65 -84.02
CA ARG D 130 4.44 -73.31 -82.81
C ARG D 130 3.57 -73.73 -81.65
N LEU D 131 3.44 -75.03 -81.53
CA LEU D 131 2.55 -75.66 -80.58
C LEU D 131 2.87 -75.41 -79.11
N ASP D 132 4.13 -75.32 -78.77
CA ASP D 132 4.45 -75.15 -77.37
C ASP D 132 4.10 -73.73 -76.98
N GLU D 133 4.52 -72.79 -77.81
CA GLU D 133 4.24 -71.38 -77.57
C GLU D 133 2.70 -71.17 -77.61
N ALA D 134 2.00 -71.91 -78.53
CA ALA D 134 0.53 -71.80 -78.62
C ALA D 134 -0.10 -72.24 -77.32
N ALA D 135 0.39 -73.35 -76.76
CA ALA D 135 -0.18 -73.81 -75.50
C ALA D 135 -0.01 -72.75 -74.42
N GLU D 136 1.16 -72.11 -74.36
CA GLU D 136 1.37 -71.09 -73.35
C GLU D 136 0.40 -69.91 -73.55
N ALA D 137 0.19 -69.50 -74.80
CA ALA D 137 -0.73 -68.40 -75.06
C ALA D 137 -2.14 -68.75 -74.62
N TYR D 138 -2.55 -70.01 -74.87
CA TYR D 138 -3.89 -70.42 -74.45
C TYR D 138 -3.97 -70.43 -72.94
N LYS D 139 -2.93 -70.92 -72.28
CA LYS D 139 -2.94 -70.96 -70.83
C LYS D 139 -3.23 -69.55 -70.29
N LYS D 140 -2.57 -68.51 -70.88
CA LYS D 140 -2.82 -67.14 -70.41
C LYS D 140 -4.28 -66.73 -70.67
N ALA D 141 -4.82 -67.05 -71.86
CA ALA D 141 -6.21 -66.67 -72.13
C ALA D 141 -7.16 -67.32 -71.13
N ILE D 142 -6.88 -68.57 -70.79
CA ILE D 142 -7.67 -69.37 -69.85
C ILE D 142 -7.56 -68.78 -68.44
N GLU D 143 -6.34 -68.43 -67.99
CA GLU D 143 -6.24 -67.86 -66.63
C GLU D 143 -7.08 -66.58 -66.55
N LEU D 144 -7.05 -65.77 -67.62
CA LEU D 144 -7.85 -64.55 -67.65
C LEU D 144 -9.36 -64.89 -67.68
N LYS D 145 -9.74 -65.93 -68.45
CA LYS D 145 -11.14 -66.39 -68.54
C LYS D 145 -11.24 -67.90 -68.36
N PRO D 146 -11.30 -68.39 -67.11
CA PRO D 146 -11.31 -69.78 -66.71
C PRO D 146 -12.47 -70.58 -67.25
N ASN D 147 -13.52 -69.88 -67.72
CA ASN D 147 -14.67 -70.56 -68.23
C ASN D 147 -14.83 -70.33 -69.76
N ASP D 148 -13.70 -70.25 -70.44
CA ASP D 148 -13.73 -70.18 -71.88
C ASP D 148 -13.57 -71.58 -72.41
N ALA D 149 -14.72 -72.26 -72.62
CA ALA D 149 -14.70 -73.65 -73.03
C ALA D 149 -13.97 -73.81 -74.34
N SER D 150 -14.11 -72.82 -75.24
CA SER D 150 -13.44 -72.92 -76.51
C SER D 150 -11.95 -72.89 -76.30
N ALA D 151 -11.46 -71.95 -75.46
CA ALA D 151 -10.03 -71.91 -75.26
C ALA D 151 -9.53 -73.22 -74.70
N TRP D 152 -10.29 -73.84 -73.79
CA TRP D 152 -9.90 -75.11 -73.23
C TRP D 152 -9.81 -76.20 -74.31
N LYS D 153 -10.80 -76.24 -75.18
CA LYS D 153 -10.82 -77.20 -76.28
C LYS D 153 -9.62 -77.01 -77.19
N GLU D 154 -9.35 -75.74 -77.55
CA GLU D 154 -8.24 -75.40 -78.43
C GLU D 154 -6.90 -75.77 -77.77
N LEU D 155 -6.79 -75.53 -76.44
CA LEU D 155 -5.59 -75.92 -75.72
C LEU D 155 -5.43 -77.42 -75.84
N GLY D 156 -6.54 -78.15 -75.64
CA GLY D 156 -6.56 -79.61 -75.76
C GLY D 156 -5.94 -80.04 -77.07
N LYS D 157 -6.42 -79.45 -78.18
CA LYS D 157 -5.90 -79.81 -79.50
C LYS D 157 -4.40 -79.57 -79.59
N VAL D 158 -3.92 -78.45 -79.05
CA VAL D 158 -2.49 -78.18 -79.10
C VAL D 158 -1.73 -79.22 -78.30
N LEU D 159 -2.21 -79.52 -77.09
CA LEU D 159 -1.54 -80.46 -76.23
C LEU D 159 -1.46 -81.84 -76.89
N GLU D 160 -2.54 -82.26 -77.52
CA GLU D 160 -2.51 -83.54 -78.22
C GLU D 160 -1.44 -83.51 -79.30
N LYS D 161 -1.39 -82.41 -80.06
CA LYS D 161 -0.40 -82.28 -81.10
C LYS D 161 1.04 -82.35 -80.53
N LEU D 162 1.23 -81.88 -79.27
CA LEU D 162 2.52 -81.93 -78.57
C LEU D 162 2.83 -83.31 -77.98
N GLY D 163 1.92 -84.27 -78.16
CA GLY D 163 2.07 -85.62 -77.63
C GLY D 163 1.59 -85.71 -76.16
N ARG D 164 1.05 -84.61 -75.63
CA ARG D 164 0.62 -84.56 -74.23
C ARG D 164 -0.81 -85.05 -74.11
N LEU D 165 -0.99 -86.33 -74.34
CA LEU D 165 -2.30 -86.95 -74.33
C LEU D 165 -3.03 -86.87 -72.98
N ASP D 166 -2.31 -86.93 -71.85
CA ASP D 166 -3.00 -86.90 -70.58
C ASP D 166 -3.51 -85.49 -70.30
N GLU D 167 -2.62 -84.51 -70.52
CA GLU D 167 -2.98 -83.12 -70.31
C GLU D 167 -4.06 -82.74 -71.32
N ALA D 168 -3.99 -83.28 -72.53
CA ALA D 168 -4.99 -82.96 -73.52
C ALA D 168 -6.35 -83.43 -73.05
N ALA D 169 -6.41 -84.65 -72.50
CA ALA D 169 -7.68 -85.16 -72.03
C ALA D 169 -8.25 -84.28 -70.94
N GLU D 170 -7.39 -83.80 -70.02
CA GLU D 170 -7.88 -82.93 -68.97
C GLU D 170 -8.46 -81.65 -69.56
N ALA D 171 -7.75 -81.04 -70.52
CA ALA D 171 -8.24 -79.81 -71.13
C ALA D 171 -9.59 -80.02 -71.82
N TYR D 172 -9.75 -81.16 -72.52
CA TYR D 172 -11.02 -81.43 -73.17
C TYR D 172 -12.10 -81.64 -72.11
N LYS D 173 -11.76 -82.35 -71.04
CA LYS D 173 -12.73 -82.60 -69.98
C LYS D 173 -13.22 -81.26 -69.44
N LYS D 174 -12.28 -80.30 -69.20
CA LYS D 174 -12.72 -78.99 -68.67
C LYS D 174 -13.66 -78.30 -69.65
N ALA D 175 -13.36 -78.37 -70.98
CA ALA D 175 -14.27 -77.73 -71.95
C ALA D 175 -15.66 -78.34 -71.87
N ILE D 176 -15.69 -79.67 -71.68
CA ILE D 176 -16.92 -80.45 -71.56
C ILE D 176 -17.69 -80.07 -70.29
N GLU D 177 -17.00 -79.94 -69.15
CA GLU D 177 -17.73 -79.56 -67.95
C GLU D 177 -18.39 -78.21 -68.14
N LEU D 178 -17.67 -77.27 -68.79
CA LEU D 178 -18.20 -75.94 -69.06
C LEU D 178 -19.38 -75.99 -70.02
N ASP D 179 -19.30 -76.83 -71.05
CA ASP D 179 -20.43 -77.00 -71.95
C ASP D 179 -20.55 -78.47 -72.36
N PRO D 180 -21.33 -79.28 -71.61
CA PRO D 180 -21.56 -80.70 -71.78
C PRO D 180 -22.14 -81.11 -73.11
N GLU D 181 -22.72 -80.15 -73.86
CA GLU D 181 -23.33 -80.47 -75.13
C GLU D 181 -22.34 -80.39 -76.29
N ASP D 182 -21.09 -80.06 -76.00
CA ASP D 182 -20.15 -79.90 -77.08
C ASP D 182 -19.70 -81.23 -77.60
N ALA D 183 -20.47 -81.71 -78.60
CA ALA D 183 -20.25 -83.00 -79.21
C ALA D 183 -18.85 -83.09 -79.80
N GLU D 184 -18.34 -81.97 -80.36
CA GLU D 184 -16.99 -81.99 -80.93
C GLU D 184 -16.00 -82.32 -79.80
N ALA D 185 -16.14 -81.60 -78.65
CA ALA D 185 -15.20 -81.84 -77.54
C ALA D 185 -15.26 -83.29 -77.10
N TRP D 186 -16.47 -83.86 -77.09
CA TRP D 186 -16.61 -85.26 -76.71
C TRP D 186 -15.89 -86.19 -77.68
N LYS D 187 -16.04 -85.95 -78.98
CA LYS D 187 -15.39 -86.78 -79.98
C LYS D 187 -13.89 -86.66 -79.86
N GLU D 188 -13.40 -85.42 -79.69
CA GLU D 188 -11.96 -85.18 -79.58
C GLU D 188 -11.43 -85.81 -78.28
N LEU D 189 -12.24 -85.78 -77.20
CA LEU D 189 -11.85 -86.43 -75.94
C LEU D 189 -11.62 -87.88 -76.23
N GLY D 190 -12.58 -88.49 -76.98
CA GLY D 190 -12.51 -89.88 -77.37
C GLY D 190 -11.21 -90.16 -78.06
N LYS D 191 -10.86 -89.36 -79.08
CA LYS D 191 -9.61 -89.60 -79.81
C LYS D 191 -8.40 -89.61 -78.86
N VAL D 192 -8.37 -88.68 -77.90
CA VAL D 192 -7.27 -88.67 -76.96
C VAL D 192 -7.29 -89.94 -76.11
N LEU D 193 -8.47 -90.29 -75.58
CA LEU D 193 -8.58 -91.45 -74.72
C LEU D 193 -8.16 -92.73 -75.46
N GLU D 194 -8.53 -92.84 -76.75
CA GLU D 194 -8.14 -94.01 -77.51
C GLU D 194 -6.65 -94.08 -77.62
N LYS D 195 -6.01 -92.96 -78.00
CA LYS D 195 -4.56 -92.94 -78.16
C LYS D 195 -3.85 -93.27 -76.88
N LEU D 196 -4.44 -92.84 -75.77
CA LEU D 196 -3.97 -93.01 -74.44
C LEU D 196 -4.21 -94.43 -73.89
N GLY D 197 -4.96 -95.26 -74.65
CA GLY D 197 -5.28 -96.63 -74.25
C GLY D 197 -6.52 -96.76 -73.36
N ARG D 198 -7.21 -95.66 -73.10
CA ARG D 198 -8.38 -95.68 -72.24
C ARG D 198 -9.60 -95.96 -73.13
N LEU D 199 -9.64 -97.17 -73.65
CA LEU D 199 -10.64 -97.59 -74.67
C LEU D 199 -12.08 -97.57 -74.17
N ASP D 200 -12.32 -97.89 -72.90
CA ASP D 200 -13.72 -97.92 -72.46
C ASP D 200 -14.23 -96.50 -72.32
N GLU D 201 -13.39 -95.63 -71.75
CA GLU D 201 -13.77 -94.24 -71.58
C GLU D 201 -13.95 -93.59 -72.97
N ALA D 202 -13.07 -94.00 -73.94
CA ALA D 202 -13.13 -93.45 -75.29
C ALA D 202 -14.46 -93.80 -75.93
N ALA D 203 -14.90 -95.05 -75.74
CA ALA D 203 -16.16 -95.47 -76.29
C ALA D 203 -17.30 -94.63 -75.75
N GLU D 204 -17.28 -94.36 -74.45
CA GLU D 204 -18.35 -93.55 -73.90
C GLU D 204 -18.31 -92.13 -74.49
N ALA D 205 -17.09 -91.57 -74.63
CA ALA D 205 -16.96 -90.22 -75.18
C ALA D 205 -17.47 -90.15 -76.63
N TYR D 206 -17.17 -91.19 -77.43
CA TYR D 206 -17.61 -91.23 -78.81
C TYR D 206 -19.14 -91.26 -78.88
N LYS D 207 -19.76 -92.07 -77.99
CA LYS D 207 -21.22 -92.15 -78.01
C LYS D 207 -21.83 -90.80 -77.70
N LYS D 208 -21.30 -90.07 -76.71
CA LYS D 208 -21.92 -88.78 -76.41
C LYS D 208 -21.80 -87.85 -77.62
N ALA D 209 -20.65 -87.86 -78.30
CA ALA D 209 -20.56 -86.97 -79.46
C ALA D 209 -21.63 -87.31 -80.50
N ILE D 210 -21.87 -88.59 -80.69
CA ILE D 210 -22.87 -89.04 -81.64
C ILE D 210 -24.30 -88.69 -81.22
N GLU D 211 -24.65 -88.98 -79.96
CA GLU D 211 -25.98 -88.76 -79.42
C GLU D 211 -26.38 -87.31 -79.24
N LEU D 212 -25.44 -86.46 -78.81
CA LEU D 212 -25.73 -85.04 -78.56
C LEU D 212 -26.18 -84.33 -79.80
N ASP D 213 -25.55 -84.63 -80.90
CA ASP D 213 -25.94 -84.03 -82.14
C ASP D 213 -25.88 -85.09 -83.21
N PRO D 214 -27.03 -85.70 -83.56
CA PRO D 214 -27.19 -86.75 -84.53
C PRO D 214 -26.68 -86.38 -85.92
N ASN D 215 -26.33 -85.07 -86.15
CA ASN D 215 -25.82 -84.72 -87.45
C ASN D 215 -24.38 -84.22 -87.25
N ASP D 216 -23.62 -85.00 -86.49
CA ASP D 216 -22.19 -84.80 -86.29
C ASP D 216 -21.46 -85.93 -87.01
#